data_6PT8
#
_entry.id   6PT8
#
_cell.length_a   46.390
_cell.length_b   138.640
_cell.length_c   51.150
_cell.angle_alpha   90.000
_cell.angle_beta   108.320
_cell.angle_gamma   90.000
#
_symmetry.space_group_name_H-M   'P 1 21 1'
#
loop_
_entity.id
_entity.type
_entity.pdbx_description
1 polymer 'UPF0284 protein MJ1598'
2 non-polymer 'ALPHA-ADENOSINE MONOPHOSPHATE'
3 non-polymer 'NICOTINIC ACID'
4 non-polymer 'PHOSPHATE ION'
5 water water
#
_entity_poly.entity_id   1
_entity_poly.type   'polypeptide(L)'
_entity_poly.pdbx_seq_one_letter_code
;MSIIAINENGFLDKIKGRNPLFTCVISSIETTLSIPISGVHRDVIKYTPSADVELVFYGKSLTLKTPPIDATGSPTPATI
TRACVELKNIKNLHIDAGAFVKPKIPFIEIDEKPTGRIEEGKAMNNSKELYMKGYLLGKNLDAELLIVGESVPGGTTTAL
GVLLGLGYDAEGKVSSGSINNPHELKIKVVREGLKKAGINEKSSVFDVLNAVGDKMMPVVAGLAISFAERNKPVILAGGT
QMSAVLAVIKEINKKVLDKNLIAIGTTEFVLNDKKGDLKGIVEQIGNVPVLASKFYFEKAKIEGLKNYCKGSVKEGVGAG
GIAVYSIVNDLEPTKIREFIENKFYEWYKE
;
_entity_poly.pdbx_strand_id   A,B
#
loop_
_chem_comp.id
_chem_comp.type
_chem_comp.name
_chem_comp.formula
AAM non-polymer 'ALPHA-ADENOSINE MONOPHOSPHATE' 'C10 H14 N5 O7 P'
NIO non-polymer 'NICOTINIC ACID' 'C6 H5 N O2'
PO4 non-polymer 'PHOSPHATE ION' 'O4 P -3'
#
# COMPACT_ATOMS: atom_id res chain seq x y z
N MET A 1 12.85 29.58 -15.32
CA MET A 1 13.23 28.34 -14.56
C MET A 1 12.42 27.13 -15.04
N SER A 2 11.61 27.31 -16.09
CA SER A 2 10.69 26.31 -16.64
C SER A 2 9.54 25.99 -15.70
N ILE A 3 9.36 26.81 -14.69
CA ILE A 3 8.26 26.72 -13.73
C ILE A 3 7.57 28.06 -13.73
N ILE A 4 6.26 28.06 -13.93
CA ILE A 4 5.42 29.24 -13.74
C ILE A 4 4.88 29.18 -12.31
N ALA A 5 5.09 30.23 -11.54
CA ALA A 5 4.76 30.21 -10.12
C ALA A 5 3.83 31.37 -9.78
N ILE A 6 2.76 31.05 -9.07
CA ILE A 6 1.80 32.02 -8.55
C ILE A 6 1.79 31.88 -7.05
N ASN A 7 1.96 33.01 -6.35
CA ASN A 7 1.99 33.01 -4.90
C ASN A 7 2.98 31.96 -4.38
N GLU A 8 4.18 31.99 -4.98
CA GLU A 8 5.21 30.99 -4.69
C GLU A 8 5.48 30.87 -3.19
N ASN A 9 5.56 31.99 -2.47
CA ASN A 9 5.65 31.98 -1.01
C ASN A 9 6.82 31.13 -0.51
N GLY A 10 7.90 31.04 -1.30
CA GLY A 10 9.05 30.25 -0.91
C GLY A 10 8.84 28.76 -0.96
N PHE A 11 7.79 28.30 -1.63
CA PHE A 11 7.54 26.86 -1.62
C PHE A 11 8.60 26.10 -2.41
N LEU A 12 9.13 26.68 -3.48
CA LEU A 12 10.10 25.94 -4.27
C LEU A 12 11.30 25.49 -3.43
N ASP A 13 11.70 26.30 -2.45
CA ASP A 13 12.82 25.92 -1.58
CA ASP A 13 12.82 25.89 -1.60
C ASP A 13 12.43 24.77 -0.64
N LYS A 14 11.15 24.60 -0.36
CA LYS A 14 10.72 23.52 0.51
C LYS A 14 10.74 22.17 -0.19
N ILE A 15 10.82 22.14 -1.52
CA ILE A 15 10.83 20.87 -2.23
C ILE A 15 12.18 20.56 -2.87
N LYS A 16 13.11 21.47 -2.80
CA LYS A 16 14.41 21.19 -3.35
C LYS A 16 15.26 20.35 -2.41
N GLY A 17 15.78 19.25 -2.89
CA GLY A 17 16.59 18.35 -2.10
C GLY A 17 15.84 17.46 -1.17
N ARG A 18 14.55 17.32 -1.31
CA ARG A 18 13.80 16.47 -0.42
C ARG A 18 13.42 15.17 -1.13
N ASN A 19 13.43 14.09 -0.38
CA ASN A 19 13.11 12.77 -0.87
C ASN A 19 11.59 12.55 -1.01
N PRO A 20 11.10 12.36 -2.21
CA PRO A 20 9.64 12.29 -2.39
C PRO A 20 9.10 10.87 -2.37
N LEU A 21 7.81 10.77 -2.05
CA LEU A 21 7.00 9.62 -2.42
C LEU A 21 5.90 10.13 -3.36
N PHE A 22 5.77 9.49 -4.49
CA PHE A 22 4.67 9.79 -5.42
C PHE A 22 3.57 8.76 -5.26
N THR A 23 2.33 9.21 -5.08
CA THR A 23 1.17 8.32 -5.05
CA THR A 23 1.17 8.34 -5.02
C THR A 23 0.06 8.91 -5.91
N CYS A 24 -0.51 8.08 -6.77
CA CYS A 24 -1.67 8.44 -7.56
C CYS A 24 -2.89 7.75 -6.97
N VAL A 25 -3.91 8.53 -6.64
CA VAL A 25 -5.19 8.03 -6.13
C VAL A 25 -6.18 7.94 -7.29
N ILE A 26 -6.73 6.77 -7.52
CA ILE A 26 -7.56 6.46 -8.67
C ILE A 26 -8.99 6.20 -8.23
N SER A 27 -9.93 6.55 -9.09
CA SER A 27 -11.35 6.29 -8.88
C SER A 27 -12.02 6.35 -10.24
N SER A 28 -13.18 5.72 -10.32
CA SER A 28 -14.07 5.80 -11.47
C SER A 28 -15.39 6.37 -11.01
N ILE A 29 -16.11 7.00 -11.95
CA ILE A 29 -17.39 7.65 -11.66
C ILE A 29 -18.46 7.01 -12.55
N GLU A 30 -19.50 6.47 -11.92
CA GLU A 30 -20.53 5.77 -12.70
C GLU A 30 -21.14 6.66 -13.78
N THR A 31 -21.33 7.95 -13.49
CA THR A 31 -21.92 8.86 -14.46
C THR A 31 -21.19 8.86 -15.79
N THR A 32 -19.87 8.70 -15.79
CA THR A 32 -19.09 8.83 -17.02
C THR A 32 -19.43 7.74 -18.04
N LEU A 33 -20.00 6.61 -17.62
CA LEU A 33 -20.38 5.59 -18.59
C LEU A 33 -21.71 5.87 -19.26
N SER A 34 -22.49 6.81 -18.73
CA SER A 34 -23.81 7.14 -19.27
C SER A 34 -23.89 8.52 -19.89
N ILE A 35 -23.08 9.48 -19.44
CA ILE A 35 -23.14 10.88 -19.85
C ILE A 35 -21.74 11.28 -20.27
N PRO A 36 -21.54 11.89 -21.44
CA PRO A 36 -20.19 12.16 -21.97
C PRO A 36 -19.54 13.40 -21.37
N ILE A 37 -19.31 13.35 -20.05
CA ILE A 37 -18.69 14.46 -19.34
C ILE A 37 -17.16 14.43 -19.40
N SER A 38 -16.55 13.27 -19.62
CA SER A 38 -15.09 13.11 -19.54
C SER A 38 -14.42 13.29 -20.89
N GLY A 39 -13.22 13.84 -20.87
CA GLY A 39 -12.36 13.91 -22.04
C GLY A 39 -11.55 12.68 -22.32
N VAL A 40 -11.61 11.66 -21.45
CA VAL A 40 -10.97 10.38 -21.71
C VAL A 40 -11.77 9.63 -22.74
N HIS A 41 -11.10 8.97 -23.68
CA HIS A 41 -11.81 8.31 -24.77
C HIS A 41 -12.77 7.25 -24.21
N ARG A 42 -14.01 7.23 -24.71
CA ARG A 42 -15.02 6.32 -24.18
C ARG A 42 -14.64 4.86 -24.35
N ASP A 43 -13.81 4.53 -25.33
CA ASP A 43 -13.45 3.14 -25.54
C ASP A 43 -12.58 2.58 -24.40
N VAL A 44 -11.89 3.45 -23.64
CA VAL A 44 -10.95 2.99 -22.63
C VAL A 44 -11.22 3.58 -21.26
N ILE A 45 -12.22 4.44 -21.10
CA ILE A 45 -12.41 5.16 -19.85
C ILE A 45 -12.52 4.22 -18.65
N LYS A 46 -13.18 3.08 -18.79
CA LYS A 46 -13.37 2.19 -17.66
C LYS A 46 -12.04 1.65 -17.14
N TYR A 47 -11.06 1.52 -18.01
CA TYR A 47 -9.78 0.87 -17.76
C TYR A 47 -8.68 1.88 -17.51
N THR A 48 -8.98 3.15 -17.64
CA THR A 48 -7.94 4.19 -17.70
C THR A 48 -7.25 4.38 -16.36
N PRO A 49 -7.95 4.50 -15.24
CA PRO A 49 -7.23 4.75 -13.98
C PRO A 49 -6.21 3.66 -13.69
N SER A 50 -6.60 2.41 -13.89
CA SER A 50 -5.68 1.32 -13.58
CA SER A 50 -5.71 1.28 -13.60
C SER A 50 -4.57 1.20 -14.61
N ALA A 51 -4.87 1.40 -15.89
CA ALA A 51 -3.83 1.35 -16.92
C ALA A 51 -2.80 2.46 -16.69
N ASP A 52 -3.26 3.62 -16.20
CA ASP A 52 -2.37 4.73 -15.93
C ASP A 52 -1.35 4.36 -14.87
N VAL A 53 -1.81 3.82 -13.74
CA VAL A 53 -0.87 3.54 -12.66
C VAL A 53 -0.01 2.33 -12.97
N GLU A 54 -0.51 1.39 -13.78
CA GLU A 54 0.33 0.29 -14.25
C GLU A 54 1.48 0.80 -15.10
N LEU A 55 1.23 1.75 -15.99
CA LEU A 55 2.31 2.31 -16.77
C LEU A 55 3.36 2.92 -15.86
N VAL A 56 2.92 3.70 -14.85
CA VAL A 56 3.86 4.40 -13.98
C VAL A 56 4.67 3.41 -13.15
N PHE A 57 4.02 2.44 -12.53
CA PHE A 57 4.68 1.57 -11.54
C PHE A 57 5.45 0.43 -12.19
N TYR A 58 4.98 -0.08 -13.31
CA TYR A 58 5.57 -1.26 -13.93
C TYR A 58 6.16 -0.98 -15.29
N GLY A 59 5.72 0.03 -15.99
CA GLY A 59 6.27 0.39 -17.28
C GLY A 59 5.45 -0.09 -18.45
N LYS A 60 4.26 -0.64 -18.21
CA LYS A 60 3.41 -1.18 -19.25
C LYS A 60 1.99 -1.27 -18.69
N SER A 61 1.01 -0.88 -19.49
CA SER A 61 -0.37 -1.15 -19.12
C SER A 61 -0.66 -2.64 -19.28
N LEU A 62 -1.45 -3.19 -18.37
CA LEU A 62 -1.58 -4.64 -18.24
C LEU A 62 -2.96 -5.23 -18.56
N THR A 63 -4.01 -4.43 -18.59
CA THR A 63 -5.26 -4.91 -19.18
C THR A 63 -5.45 -4.33 -20.56
N LEU A 64 -5.13 -3.05 -20.70
CA LEU A 64 -5.21 -2.46 -22.02
C LEU A 64 -3.94 -2.83 -22.80
N LYS A 65 -4.04 -2.92 -24.10
CA LYS A 65 -2.90 -3.30 -24.91
C LYS A 65 -1.94 -2.14 -25.08
N THR A 66 -2.46 -0.93 -25.04
CA THR A 66 -1.61 0.22 -25.01
C THR A 66 -2.10 1.15 -23.88
N PRO A 67 -1.32 2.17 -23.53
CA PRO A 67 -1.85 3.08 -22.50
C PRO A 67 -3.07 3.92 -22.98
N PRO A 68 -3.77 4.54 -22.03
CA PRO A 68 -4.98 5.26 -22.41
C PRO A 68 -4.74 6.47 -23.31
N ILE A 69 -5.85 6.96 -23.86
CA ILE A 69 -5.86 8.12 -24.77
C ILE A 69 -7.06 9.00 -24.41
N ASP A 70 -6.95 10.29 -24.75
CA ASP A 70 -8.11 11.18 -24.63
C ASP A 70 -8.98 11.09 -25.88
N ALA A 71 -10.05 11.90 -25.90
CA ALA A 71 -11.05 11.82 -26.97
C ALA A 71 -10.46 12.13 -28.33
N THR A 72 -9.35 12.87 -28.39
CA THR A 72 -8.68 13.18 -29.64
C THR A 72 -7.59 12.17 -30.02
N GLY A 73 -7.42 11.11 -29.23
CA GLY A 73 -6.37 10.14 -29.50
C GLY A 73 -5.00 10.49 -28.96
N SER A 74 -4.87 11.53 -28.15
CA SER A 74 -3.58 11.90 -27.56
C SER A 74 -3.24 11.01 -26.37
N PRO A 75 -1.95 10.80 -26.11
CA PRO A 75 -1.55 9.83 -25.08
C PRO A 75 -1.77 10.34 -23.65
N THR A 76 -2.06 9.38 -22.78
CA THR A 76 -2.26 9.62 -21.37
C THR A 76 -1.13 10.45 -20.78
N PRO A 77 -1.42 11.34 -19.82
CA PRO A 77 -0.35 12.05 -19.12
C PRO A 77 0.46 11.15 -18.20
N ALA A 78 0.04 9.91 -18.01
CA ALA A 78 0.92 8.95 -17.35
C ALA A 78 2.23 8.77 -18.09
N THR A 79 2.29 9.13 -19.38
CA THR A 79 3.58 9.08 -20.08
C THR A 79 4.58 10.01 -19.41
N ILE A 80 4.13 11.22 -19.04
CA ILE A 80 4.98 12.18 -18.37
C ILE A 80 5.39 11.66 -16.99
N THR A 81 4.42 11.16 -16.24
CA THR A 81 4.68 10.67 -14.89
C THR A 81 5.68 9.51 -14.93
N ARG A 82 5.51 8.56 -15.85
CA ARG A 82 6.45 7.46 -16.01
C ARG A 82 7.85 8.00 -16.35
N ALA A 83 7.93 8.97 -17.25
CA ALA A 83 9.23 9.59 -17.56
C ALA A 83 9.90 10.13 -16.30
N CYS A 84 9.14 10.85 -15.47
CA CYS A 84 9.72 11.46 -14.28
C CYS A 84 10.14 10.42 -13.24
N VAL A 85 9.32 9.38 -13.00
CA VAL A 85 9.71 8.41 -12.00
C VAL A 85 10.97 7.66 -12.43
N GLU A 86 11.14 7.45 -13.74
CA GLU A 86 12.35 6.79 -14.22
C GLU A 86 13.54 7.74 -14.19
N LEU A 87 13.36 8.97 -14.69
CA LEU A 87 14.50 9.89 -14.81
C LEU A 87 15.02 10.32 -13.45
N LYS A 88 14.15 10.44 -12.46
CA LYS A 88 14.54 10.90 -11.13
C LYS A 88 14.47 9.82 -10.06
N ASN A 89 14.22 8.56 -10.43
CA ASN A 89 14.20 7.44 -9.48
C ASN A 89 13.25 7.70 -8.32
N ILE A 90 12.01 8.06 -8.66
CA ILE A 90 11.03 8.45 -7.67
C ILE A 90 10.23 7.22 -7.26
N LYS A 91 10.26 6.91 -5.97
CA LYS A 91 9.44 5.82 -5.45
C LYS A 91 7.96 6.17 -5.57
N ASN A 92 7.17 5.18 -5.90
CA ASN A 92 5.75 5.39 -6.13
C ASN A 92 4.91 4.19 -5.68
N LEU A 93 3.76 4.51 -5.09
N LEU A 93 3.75 4.49 -5.13
CA LEU A 93 2.81 3.54 -4.58
CA LEU A 93 2.83 3.48 -4.63
C LEU A 93 1.44 4.12 -4.83
C LEU A 93 1.43 4.06 -4.73
N HIS A 94 0.54 3.35 -5.41
CA HIS A 94 -0.74 3.88 -5.84
C HIS A 94 -1.92 3.34 -5.07
N ILE A 95 -3.00 4.11 -5.05
CA ILE A 95 -4.11 3.93 -4.13
C ILE A 95 -5.40 3.86 -4.93
N ASP A 96 -6.18 2.82 -4.72
CA ASP A 96 -7.50 2.69 -5.32
C ASP A 96 -8.60 3.17 -4.37
N ALA A 97 -9.40 4.09 -4.86
CA ALA A 97 -10.63 4.53 -4.23
C ALA A 97 -11.78 4.40 -5.20
N GLY A 98 -11.87 3.25 -5.84
CA GLY A 98 -13.05 2.89 -6.59
C GLY A 98 -12.93 2.83 -8.11
N ALA A 99 -11.79 2.46 -8.66
CA ALA A 99 -11.73 2.25 -10.10
C ALA A 99 -12.63 1.08 -10.51
N PHE A 100 -13.21 1.17 -11.71
CA PHE A 100 -14.14 0.12 -12.13
C PHE A 100 -13.43 -1.22 -12.23
N VAL A 101 -12.21 -1.20 -12.74
CA VAL A 101 -11.37 -2.35 -12.98
C VAL A 101 -10.06 -2.08 -12.27
N LYS A 102 -9.63 -3.00 -11.45
CA LYS A 102 -8.51 -2.73 -10.56
C LYS A 102 -7.16 -2.93 -11.25
N PRO A 103 -6.13 -2.32 -10.72
CA PRO A 103 -4.78 -2.55 -11.26
C PRO A 103 -4.30 -3.98 -11.07
N LYS A 104 -3.44 -4.40 -11.99
CA LYS A 104 -2.80 -5.70 -11.92
C LYS A 104 -1.47 -5.65 -11.18
N ILE A 105 -1.01 -4.45 -10.86
CA ILE A 105 0.15 -4.21 -10.02
C ILE A 105 -0.27 -4.23 -8.56
N PRO A 106 0.65 -4.40 -7.62
CA PRO A 106 0.31 -4.11 -6.21
C PRO A 106 -0.22 -2.70 -6.06
N PHE A 107 -1.24 -2.53 -5.22
CA PHE A 107 -1.83 -1.21 -5.02
C PHE A 107 -2.50 -1.21 -3.66
N ILE A 108 -2.68 -0.02 -3.09
CA ILE A 108 -3.35 0.14 -1.81
C ILE A 108 -4.84 0.24 -2.05
N GLU A 109 -5.62 -0.70 -1.54
CA GLU A 109 -7.06 -0.68 -1.64
C GLU A 109 -7.63 0.09 -0.47
N ILE A 110 -8.31 1.20 -0.75
CA ILE A 110 -9.05 1.95 0.27
C ILE A 110 -10.55 1.71 0.15
N ASP A 111 -11.08 1.60 -1.05
CA ASP A 111 -12.52 1.37 -1.22
C ASP A 111 -12.72 0.75 -2.60
N GLU A 112 -13.27 -0.46 -2.65
CA GLU A 112 -13.39 -1.08 -3.95
C GLU A 112 -14.54 -0.52 -4.77
N LYS A 113 -15.50 0.16 -4.17
CA LYS A 113 -16.72 0.53 -4.87
C LYS A 113 -16.53 1.85 -5.61
N PRO A 114 -16.93 1.96 -6.88
CA PRO A 114 -16.78 3.22 -7.60
C PRO A 114 -17.59 4.36 -7.01
N THR A 115 -17.18 5.58 -7.40
CA THR A 115 -17.99 6.75 -7.16
C THR A 115 -19.28 6.58 -7.95
N GLY A 116 -20.42 6.94 -7.35
CA GLY A 116 -21.74 6.72 -7.92
C GLY A 116 -22.23 7.78 -8.88
N ARG A 117 -23.56 7.93 -8.93
CA ARG A 117 -24.24 8.79 -9.89
C ARG A 117 -24.31 10.23 -9.37
N ILE A 118 -23.44 11.08 -9.93
CA ILE A 118 -23.35 12.48 -9.55
C ILE A 118 -24.66 13.19 -9.82
N GLU A 119 -25.29 12.90 -10.96
CA GLU A 119 -26.50 13.58 -11.35
C GLU A 119 -27.69 13.23 -10.46
N GLU A 120 -27.60 12.17 -9.66
CA GLU A 120 -28.59 11.81 -8.66
C GLU A 120 -28.23 12.33 -7.28
N GLY A 121 -27.07 12.98 -7.12
CA GLY A 121 -26.63 13.37 -5.81
C GLY A 121 -26.25 12.21 -4.92
N LYS A 122 -25.76 11.12 -5.51
CA LYS A 122 -25.46 9.90 -4.77
C LYS A 122 -24.05 9.42 -5.07
N ALA A 123 -23.10 10.35 -5.06
CA ALA A 123 -21.70 10.00 -5.30
C ALA A 123 -21.20 8.93 -4.33
N MET A 124 -21.45 9.08 -3.03
CA MET A 124 -20.93 8.15 -2.03
C MET A 124 -21.66 8.39 -0.72
N ASN A 125 -21.55 7.44 0.19
CA ASN A 125 -22.13 7.60 1.51
C ASN A 125 -21.08 7.63 2.61
N ASN A 126 -19.79 7.69 2.24
CA ASN A 126 -18.73 7.41 3.19
C ASN A 126 -17.56 8.37 3.07
N SER A 127 -17.80 9.62 2.67
CA SER A 127 -16.67 10.55 2.51
C SER A 127 -15.92 10.76 3.83
N LYS A 128 -16.62 10.81 4.96
CA LYS A 128 -15.92 11.00 6.23
C LYS A 128 -14.96 9.85 6.53
N GLU A 129 -15.42 8.62 6.29
CA GLU A 129 -14.59 7.44 6.51
C GLU A 129 -13.42 7.43 5.54
N LEU A 130 -13.63 7.86 4.29
CA LEU A 130 -12.56 7.87 3.32
C LEU A 130 -11.49 8.89 3.70
N TYR A 131 -11.92 10.03 4.22
CA TYR A 131 -10.98 11.02 4.74
C TYR A 131 -10.11 10.42 5.85
N MET A 132 -10.74 9.75 6.81
CA MET A 132 -9.99 9.16 7.91
C MET A 132 -9.05 8.09 7.42
N LYS A 133 -9.44 7.32 6.40
CA LYS A 133 -8.56 6.31 5.84
C LYS A 133 -7.34 6.92 5.18
N GLY A 134 -7.53 7.98 4.41
CA GLY A 134 -6.39 8.67 3.84
C GLY A 134 -5.48 9.27 4.90
N TYR A 135 -6.07 9.82 5.96
CA TYR A 135 -5.29 10.39 7.05
C TYR A 135 -4.46 9.35 7.77
N LEU A 136 -5.09 8.24 8.13
CA LEU A 136 -4.35 7.21 8.88
C LEU A 136 -3.32 6.53 7.98
N LEU A 137 -3.62 6.35 6.70
CA LEU A 137 -2.62 5.83 5.78
C LEU A 137 -1.46 6.81 5.68
N GLY A 138 -1.75 8.10 5.58
CA GLY A 138 -0.70 9.06 5.42
C GLY A 138 0.29 9.07 6.57
N LYS A 139 -0.20 8.85 7.80
CA LYS A 139 0.69 8.78 8.96
C LYS A 139 1.71 7.65 8.84
N ASN A 140 1.41 6.62 8.04
CA ASN A 140 2.26 5.46 7.88
C ASN A 140 3.08 5.48 6.60
N LEU A 141 3.04 6.56 5.84
CA LEU A 141 3.87 6.73 4.66
C LEU A 141 5.08 7.58 5.04
N ASP A 142 6.27 7.05 4.83
CA ASP A 142 7.50 7.70 5.25
C ASP A 142 8.12 8.37 4.03
N ALA A 143 8.07 9.69 4.01
CA ALA A 143 8.67 10.48 2.94
C ALA A 143 8.93 11.88 3.49
N GLU A 144 9.86 12.58 2.85
CA GLU A 144 10.11 13.97 3.19
C GLU A 144 9.15 14.92 2.49
N LEU A 145 8.49 14.46 1.44
CA LEU A 145 7.62 15.28 0.61
C LEU A 145 6.63 14.29 0.01
N LEU A 146 5.34 14.62 0.05
CA LEU A 146 4.33 13.82 -0.62
C LEU A 146 3.93 14.50 -1.90
N ILE A 147 4.01 13.77 -3.02
CA ILE A 147 3.48 14.22 -4.30
C ILE A 147 2.26 13.33 -4.57
N VAL A 148 1.07 13.90 -4.49
CA VAL A 148 -0.16 13.12 -4.59
C VAL A 148 -0.93 13.54 -5.83
N GLY A 149 -1.04 12.62 -6.80
CA GLY A 149 -1.79 12.83 -8.01
C GLY A 149 -3.10 12.07 -8.02
N GLU A 150 -3.80 12.16 -9.15
CA GLU A 150 -5.06 11.46 -9.30
C GLU A 150 -5.18 10.90 -10.71
N SER A 151 -6.03 9.87 -10.85
CA SER A 151 -6.54 9.53 -12.17
C SER A 151 -8.03 9.20 -11.99
N VAL A 152 -8.89 10.16 -12.29
CA VAL A 152 -10.33 10.05 -12.10
C VAL A 152 -11.02 10.62 -13.33
N PRO A 153 -11.33 9.79 -14.32
CA PRO A 153 -12.08 10.30 -15.48
C PRO A 153 -13.44 10.78 -15.03
N GLY A 154 -13.79 12.00 -15.47
CA GLY A 154 -14.96 12.69 -14.95
C GLY A 154 -14.66 13.59 -13.78
N GLY A 155 -13.41 13.61 -13.32
CA GLY A 155 -13.07 14.36 -12.13
C GLY A 155 -13.16 15.86 -12.25
N THR A 156 -13.10 16.42 -13.45
CA THR A 156 -13.33 17.87 -13.54
C THR A 156 -14.79 18.21 -13.29
N THR A 157 -15.70 17.28 -13.50
CA THR A 157 -17.12 17.50 -13.21
C THR A 157 -17.39 17.44 -11.71
N THR A 158 -16.86 16.41 -11.03
CA THR A 158 -17.02 16.38 -9.58
C THR A 158 -16.32 17.57 -8.93
N ALA A 159 -15.19 18.00 -9.46
CA ALA A 159 -14.54 19.19 -8.93
C ALA A 159 -15.48 20.39 -9.01
N LEU A 160 -16.15 20.58 -10.16
CA LEU A 160 -17.10 21.67 -10.29
C LEU A 160 -18.22 21.53 -9.28
N GLY A 161 -18.77 20.33 -9.12
CA GLY A 161 -19.87 20.14 -8.19
C GLY A 161 -19.50 20.43 -6.74
N VAL A 162 -18.31 19.98 -6.32
CA VAL A 162 -17.87 20.23 -4.94
C VAL A 162 -17.61 21.72 -4.72
N LEU A 163 -16.97 22.39 -5.67
CA LEU A 163 -16.73 23.82 -5.54
C LEU A 163 -18.04 24.59 -5.44
N LEU A 164 -18.99 24.29 -6.31
CA LEU A 164 -20.30 24.95 -6.23
C LEU A 164 -21.01 24.61 -4.93
N GLY A 165 -20.97 23.34 -4.53
CA GLY A 165 -21.64 22.94 -3.31
C GLY A 165 -21.12 23.66 -2.09
N LEU A 166 -19.82 23.98 -2.08
CA LEU A 166 -19.16 24.74 -1.01
C LEU A 166 -19.32 26.24 -1.19
N GLY A 167 -20.04 26.69 -2.20
CA GLY A 167 -20.37 28.11 -2.31
C GLY A 167 -19.37 28.95 -3.04
N TYR A 168 -18.53 28.36 -3.88
CA TYR A 168 -17.60 29.10 -4.71
C TYR A 168 -18.22 29.47 -6.05
N ASP A 169 -17.63 30.49 -6.68
CA ASP A 169 -17.93 30.84 -8.08
C ASP A 169 -17.00 30.00 -8.95
N ALA A 170 -17.51 28.89 -9.46
CA ALA A 170 -16.70 27.96 -10.25
C ALA A 170 -17.22 27.66 -11.65
N GLU A 171 -18.44 28.07 -11.98
CA GLU A 171 -18.96 27.76 -13.31
C GLU A 171 -18.06 28.33 -14.40
N GLY A 172 -17.76 27.50 -15.39
CA GLY A 172 -16.87 27.89 -16.45
C GLY A 172 -15.40 27.88 -16.10
N LYS A 173 -15.03 27.53 -14.86
CA LYS A 173 -13.63 27.64 -14.45
C LYS A 173 -12.90 26.30 -14.39
N VAL A 174 -13.61 25.18 -14.36
CA VAL A 174 -12.92 23.89 -14.33
C VAL A 174 -12.40 23.56 -15.72
N SER A 175 -11.37 22.75 -15.77
CA SER A 175 -10.72 22.39 -17.02
C SER A 175 -11.35 21.14 -17.59
N SER A 176 -10.64 20.44 -18.46
CA SER A 176 -11.19 19.26 -19.11
C SER A 176 -10.03 18.44 -19.63
N GLY A 177 -10.23 17.14 -19.65
CA GLY A 177 -9.18 16.25 -20.13
C GLY A 177 -9.04 16.13 -21.62
N SER A 178 -9.78 16.94 -22.39
CA SER A 178 -9.60 16.99 -23.84
C SER A 178 -9.95 18.39 -24.31
N ILE A 179 -9.92 18.57 -25.62
CA ILE A 179 -10.10 19.91 -26.18
C ILE A 179 -11.50 20.44 -25.88
N ASN A 180 -12.52 19.63 -26.11
CA ASN A 180 -13.88 20.05 -25.79
C ASN A 180 -14.04 20.12 -24.28
N ASN A 181 -14.64 21.19 -23.78
CA ASN A 181 -14.95 21.29 -22.36
C ASN A 181 -16.43 21.53 -22.27
N PRO A 182 -17.26 20.48 -22.05
CA PRO A 182 -18.72 20.67 -22.12
C PRO A 182 -19.30 21.27 -20.85
N HIS A 183 -19.08 22.58 -20.67
CA HIS A 183 -19.47 23.25 -19.43
C HIS A 183 -20.97 23.16 -19.19
N GLU A 184 -21.79 23.32 -20.24
CA GLU A 184 -23.23 23.32 -20.00
C GLU A 184 -23.71 21.96 -19.52
N LEU A 185 -23.15 20.88 -20.05
CA LEU A 185 -23.49 19.54 -19.57
C LEU A 185 -23.00 19.31 -18.14
N LYS A 186 -21.75 19.68 -17.87
CA LYS A 186 -21.21 19.52 -16.52
C LYS A 186 -22.06 20.24 -15.49
N ILE A 187 -22.45 21.49 -15.78
CA ILE A 187 -23.19 22.29 -14.82
C ILE A 187 -24.56 21.69 -14.55
N LYS A 188 -25.20 21.15 -15.60
CA LYS A 188 -26.51 20.52 -15.41
C LYS A 188 -26.38 19.29 -14.52
N VAL A 189 -25.37 18.45 -14.77
CA VAL A 189 -25.14 17.26 -13.97
C VAL A 189 -24.99 17.62 -12.49
N VAL A 190 -24.10 18.55 -12.18
CA VAL A 190 -23.80 18.80 -10.78
C VAL A 190 -24.90 19.59 -10.08
N ARG A 191 -25.52 20.57 -10.76
CA ARG A 191 -26.59 21.30 -10.10
C ARG A 191 -27.80 20.42 -9.86
N GLU A 192 -28.07 19.46 -10.75
CA GLU A 192 -29.14 18.52 -10.47
C GLU A 192 -28.81 17.63 -9.28
N GLY A 193 -27.57 17.15 -9.19
CA GLY A 193 -27.20 16.34 -8.05
C GLY A 193 -27.24 17.11 -6.74
N LEU A 194 -26.72 18.33 -6.74
CA LEU A 194 -26.76 19.15 -5.53
C LEU A 194 -28.20 19.37 -5.08
N LYS A 195 -29.10 19.65 -6.03
CA LYS A 195 -30.50 19.87 -5.70
C LYS A 195 -31.13 18.60 -5.14
N LYS A 196 -30.90 17.46 -5.79
CA LYS A 196 -31.50 16.23 -5.32
C LYS A 196 -31.05 15.88 -3.91
N ALA A 197 -29.80 16.13 -3.59
CA ALA A 197 -29.28 15.83 -2.26
C ALA A 197 -29.60 16.90 -1.24
N GLY A 198 -30.23 18.00 -1.64
CA GLY A 198 -30.56 19.03 -0.68
C GLY A 198 -29.40 19.83 -0.17
N ILE A 199 -28.36 20.01 -0.96
CA ILE A 199 -27.14 20.68 -0.51
C ILE A 199 -27.36 22.20 -0.47
N ASN A 200 -26.95 22.81 0.62
CA ASN A 200 -27.00 24.26 0.76
C ASN A 200 -25.89 24.72 1.70
N GLU A 201 -25.97 25.96 2.15
CA GLU A 201 -24.91 26.51 2.99
C GLU A 201 -24.81 25.83 4.34
N LYS A 202 -25.86 25.12 4.79
CA LYS A 202 -25.81 24.42 6.06
C LYS A 202 -25.20 23.04 5.95
N SER A 203 -24.98 22.53 4.75
CA SER A 203 -24.42 21.21 4.56
C SER A 203 -22.96 21.19 5.00
N SER A 204 -22.52 20.05 5.51
CA SER A 204 -21.10 19.88 5.79
C SER A 204 -20.33 19.53 4.53
N VAL A 205 -19.01 19.66 4.61
CA VAL A 205 -18.16 19.28 3.48
C VAL A 205 -18.38 17.81 3.11
N PHE A 206 -18.62 16.96 4.10
CA PHE A 206 -18.85 15.54 3.80
C PHE A 206 -20.21 15.33 3.18
N ASP A 207 -21.20 16.14 3.52
CA ASP A 207 -22.46 16.06 2.78
C ASP A 207 -22.27 16.43 1.31
N VAL A 208 -21.50 17.49 1.05
CA VAL A 208 -21.23 17.90 -0.32
C VAL A 208 -20.53 16.78 -1.07
N LEU A 209 -19.46 16.23 -0.49
CA LEU A 209 -18.75 15.13 -1.13
C LEU A 209 -19.65 13.93 -1.38
N ASN A 210 -20.50 13.60 -0.41
CA ASN A 210 -21.41 12.47 -0.58
C ASN A 210 -22.37 12.69 -1.74
N ALA A 211 -22.74 13.95 -2.00
CA ALA A 211 -23.64 14.26 -3.10
C ALA A 211 -22.95 14.17 -4.47
N VAL A 212 -21.84 14.90 -4.65
CA VAL A 212 -21.32 15.16 -6.00
C VAL A 212 -19.80 15.09 -6.09
N GLY A 213 -19.12 14.62 -5.04
CA GLY A 213 -17.67 14.47 -5.10
C GLY A 213 -17.27 13.17 -5.78
N ASP A 214 -15.96 12.96 -5.89
CA ASP A 214 -15.45 11.63 -6.17
C ASP A 214 -14.62 11.14 -4.99
N LYS A 215 -14.46 9.82 -4.89
CA LYS A 215 -13.85 9.22 -3.71
C LYS A 215 -12.38 9.53 -3.59
N MET A 216 -11.72 9.96 -4.66
CA MET A 216 -10.32 10.38 -4.55
C MET A 216 -10.21 11.59 -3.65
N MET A 217 -11.20 12.49 -3.66
CA MET A 217 -11.04 13.77 -3.00
C MET A 217 -10.85 13.65 -1.50
N PRO A 218 -11.70 12.96 -0.75
CA PRO A 218 -11.49 12.86 0.69
C PRO A 218 -10.21 12.09 1.05
N VAL A 219 -9.84 11.10 0.24
CA VAL A 219 -8.59 10.37 0.46
C VAL A 219 -7.40 11.31 0.34
N VAL A 220 -7.33 12.10 -0.75
CA VAL A 220 -6.23 13.04 -0.93
C VAL A 220 -6.24 14.09 0.18
N ALA A 221 -7.41 14.63 0.54
CA ALA A 221 -7.45 15.58 1.63
C ALA A 221 -6.86 15.01 2.91
N GLY A 222 -7.17 13.75 3.22
CA GLY A 222 -6.61 13.10 4.40
C GLY A 222 -5.11 12.91 4.31
N LEU A 223 -4.63 12.42 3.16
CA LEU A 223 -3.19 12.29 2.97
C LEU A 223 -2.49 13.62 3.15
N ALA A 224 -2.99 14.66 2.52
CA ALA A 224 -2.34 15.96 2.54
C ALA A 224 -2.32 16.55 3.94
N ILE A 225 -3.43 16.50 4.65
CA ILE A 225 -3.47 17.01 6.02
C ILE A 225 -2.55 16.21 6.92
N SER A 226 -2.47 14.90 6.74
CA SER A 226 -1.60 14.08 7.58
C SER A 226 -0.15 14.52 7.45
N PHE A 227 0.30 14.85 6.23
CA PHE A 227 1.67 15.32 6.00
C PHE A 227 1.88 16.75 6.50
N ALA A 228 1.01 17.67 6.12
CA ALA A 228 1.18 19.05 6.52
C ALA A 228 1.13 19.21 8.02
N GLU A 229 0.25 18.47 8.70
CA GLU A 229 0.22 18.52 10.16
C GLU A 229 1.54 18.09 10.76
N ARG A 230 2.25 17.16 10.11
CA ARG A 230 3.58 16.68 10.50
C ARG A 230 4.69 17.59 10.01
N ASN A 231 4.35 18.77 9.49
CA ASN A 231 5.33 19.77 9.07
C ASN A 231 6.06 19.38 7.80
N LYS A 232 5.43 18.54 6.96
CA LYS A 232 6.04 18.09 5.73
C LYS A 232 5.28 18.66 4.53
N PRO A 233 5.99 19.01 3.47
CA PRO A 233 5.34 19.59 2.29
C PRO A 233 4.60 18.55 1.47
N VAL A 234 3.57 19.05 0.79
CA VAL A 234 2.69 18.28 -0.09
C VAL A 234 2.51 19.05 -1.39
N ILE A 235 2.72 18.37 -2.52
CA ILE A 235 2.28 18.84 -3.83
C ILE A 235 1.00 18.08 -4.16
N LEU A 236 -0.11 18.81 -4.23
CA LEU A 236 -1.36 18.32 -4.83
C LEU A 236 -1.14 18.38 -6.34
N ALA A 237 -0.84 17.24 -6.92
CA ALA A 237 -0.41 17.13 -8.31
C ALA A 237 -1.64 16.94 -9.19
N GLY A 238 -2.21 18.06 -9.61
CA GLY A 238 -3.34 18.03 -10.52
C GLY A 238 -3.75 19.46 -10.75
N GLY A 239 -4.82 19.61 -11.53
CA GLY A 239 -5.24 20.94 -11.96
C GLY A 239 -6.45 21.43 -11.20
N THR A 240 -7.51 21.76 -11.91
CA THR A 240 -8.72 22.22 -11.25
C THR A 240 -9.32 21.16 -10.31
N GLN A 241 -9.07 19.87 -10.57
CA GLN A 241 -9.47 18.86 -9.61
C GLN A 241 -8.82 19.08 -8.24
N MET A 242 -7.52 19.42 -8.22
CA MET A 242 -6.85 19.68 -6.95
C MET A 242 -7.29 20.98 -6.32
N SER A 243 -7.87 21.93 -7.06
CA SER A 243 -8.45 23.09 -6.41
C SER A 243 -9.69 22.71 -5.59
N ALA A 244 -10.46 21.74 -6.04
CA ALA A 244 -11.57 21.22 -5.24
C ALA A 244 -11.06 20.51 -4.00
N VAL A 245 -10.00 19.70 -4.15
CA VAL A 245 -9.40 19.08 -2.98
C VAL A 245 -8.93 20.15 -1.99
N LEU A 246 -8.28 21.21 -2.49
CA LEU A 246 -7.85 22.30 -1.62
C LEU A 246 -9.02 22.91 -0.86
N ALA A 247 -10.14 23.14 -1.54
CA ALA A 247 -11.32 23.67 -0.87
C ALA A 247 -11.82 22.71 0.21
N VAL A 248 -11.78 21.42 -0.03
CA VAL A 248 -12.13 20.43 0.98
C VAL A 248 -11.19 20.53 2.18
N ILE A 249 -9.89 20.61 1.92
CA ILE A 249 -8.92 20.73 3.00
C ILE A 249 -9.23 21.95 3.85
N LYS A 250 -9.54 23.08 3.22
CA LYS A 250 -9.88 24.30 3.95
C LYS A 250 -11.09 24.10 4.86
N GLU A 251 -12.10 23.35 4.43
CA GLU A 251 -13.27 23.11 5.27
C GLU A 251 -12.94 22.24 6.47
N ILE A 252 -12.03 21.29 6.30
CA ILE A 252 -11.73 20.33 7.36
C ILE A 252 -10.73 20.92 8.35
N ASN A 253 -9.72 21.63 7.87
CA ASN A 253 -8.62 22.07 8.71
C ASN A 253 -8.01 23.33 8.08
N LYS A 254 -8.71 24.45 8.22
CA LYS A 254 -8.26 25.70 7.61
C LYS A 254 -6.88 26.11 8.11
N LYS A 255 -6.62 25.89 9.39
CA LYS A 255 -5.34 26.31 9.97
C LYS A 255 -4.17 25.60 9.33
N VAL A 256 -4.35 24.42 8.79
CA VAL A 256 -3.25 23.73 8.14
C VAL A 256 -2.77 24.53 6.92
N LEU A 257 -3.60 25.33 6.24
CA LEU A 257 -3.19 26.15 5.06
C LEU A 257 -2.31 27.31 5.42
N ASP A 258 -2.38 27.72 6.67
CA ASP A 258 -1.51 28.76 7.15
C ASP A 258 -0.07 28.33 7.27
N LYS A 259 0.24 27.02 7.28
CA LYS A 259 1.57 26.52 7.31
C LYS A 259 2.30 26.65 6.01
N ASN A 260 1.61 26.90 4.91
CA ASN A 260 2.21 27.01 3.60
C ASN A 260 3.05 25.80 3.23
N LEU A 261 2.47 24.65 3.49
CA LEU A 261 3.10 23.37 3.18
C LEU A 261 2.36 22.61 2.10
N ILE A 262 1.26 23.16 1.59
CA ILE A 262 0.46 22.50 0.56
C ILE A 262 0.41 23.42 -0.64
N ALA A 263 0.83 22.91 -1.79
CA ALA A 263 0.78 23.65 -3.03
C ALA A 263 0.09 22.82 -4.09
N ILE A 264 -0.47 23.50 -5.09
CA ILE A 264 -0.97 22.84 -6.30
C ILE A 264 0.16 22.82 -7.32
N GLY A 265 0.45 21.64 -7.84
CA GLY A 265 1.43 21.46 -8.90
C GLY A 265 0.75 20.92 -10.14
N THR A 266 0.72 21.72 -11.20
CA THR A 266 0.01 21.38 -12.43
C THR A 266 0.90 21.65 -13.63
N THR A 267 0.31 21.60 -14.81
CA THR A 267 1.03 21.85 -16.05
C THR A 267 0.69 23.24 -16.57
N GLU A 268 1.58 23.73 -17.45
CA GLU A 268 1.30 24.96 -18.17
C GLU A 268 -0.01 24.87 -18.92
N PHE A 269 -0.38 23.68 -19.38
CA PHE A 269 -1.59 23.52 -20.18
C PHE A 269 -2.85 23.80 -19.38
N VAL A 270 -2.87 23.45 -18.09
CA VAL A 270 -4.01 23.79 -17.25
C VAL A 270 -3.98 25.26 -16.85
N LEU A 271 -2.82 25.76 -16.45
CA LEU A 271 -2.76 27.12 -15.97
C LEU A 271 -3.16 28.10 -17.06
N ASN A 272 -2.77 27.82 -18.30
CA ASN A 272 -3.03 28.69 -19.45
C ASN A 272 -4.24 28.26 -20.27
N ASP A 273 -5.10 27.40 -19.74
CA ASP A 273 -6.29 26.93 -20.42
C ASP A 273 -7.28 28.08 -20.51
N LYS A 274 -7.57 28.54 -21.71
CA LYS A 274 -8.51 29.65 -21.81
C LYS A 274 -9.96 29.22 -21.67
N LYS A 275 -10.22 27.91 -21.60
CA LYS A 275 -11.56 27.40 -21.34
C LYS A 275 -11.78 27.08 -19.87
N GLY A 276 -10.82 27.42 -19.01
CA GLY A 276 -10.95 27.25 -17.57
C GLY A 276 -10.36 28.45 -16.85
N ASP A 277 -10.28 28.38 -15.52
CA ASP A 277 -9.73 29.48 -14.72
C ASP A 277 -9.22 28.97 -13.38
N LEU A 278 -8.12 28.23 -13.41
CA LEU A 278 -7.56 27.68 -12.19
C LEU A 278 -7.20 28.77 -11.20
N LYS A 279 -6.49 29.83 -11.66
CA LYS A 279 -6.07 30.88 -10.75
C LYS A 279 -7.26 31.51 -10.06
N GLY A 280 -8.34 31.71 -10.79
CA GLY A 280 -9.53 32.36 -10.25
C GLY A 280 -10.29 31.51 -9.23
N ILE A 281 -10.15 30.19 -9.31
CA ILE A 281 -10.68 29.34 -8.25
C ILE A 281 -9.82 29.46 -7.01
N VAL A 282 -8.50 29.30 -7.18
CA VAL A 282 -7.63 29.28 -6.03
C VAL A 282 -7.65 30.60 -5.29
N GLU A 283 -7.80 31.73 -6.00
CA GLU A 283 -7.86 33.02 -5.32
C GLU A 283 -9.01 33.09 -4.33
N GLN A 284 -10.12 32.42 -4.61
CA GLN A 284 -11.24 32.40 -3.69
C GLN A 284 -10.98 31.53 -2.48
N ILE A 285 -10.08 30.56 -2.58
CA ILE A 285 -9.82 29.65 -1.47
C ILE A 285 -8.79 30.22 -0.51
N GLY A 286 -7.68 30.73 -1.03
CA GLY A 286 -6.70 31.32 -0.15
C GLY A 286 -5.39 31.55 -0.89
N ASN A 287 -4.42 32.05 -0.13
CA ASN A 287 -3.10 32.38 -0.64
C ASN A 287 -2.29 31.09 -0.57
N VAL A 288 -2.41 30.28 -1.63
CA VAL A 288 -1.79 28.98 -1.74
C VAL A 288 -0.94 28.95 -3.00
N PRO A 289 0.28 28.41 -2.97
CA PRO A 289 1.10 28.36 -4.18
C PRO A 289 0.48 27.51 -5.27
N VAL A 290 0.58 28.01 -6.51
CA VAL A 290 0.20 27.28 -7.72
C VAL A 290 1.43 27.28 -8.61
N LEU A 291 1.95 26.10 -8.91
CA LEU A 291 3.19 25.93 -9.63
C LEU A 291 2.89 25.10 -10.87
N ALA A 292 3.39 25.52 -12.03
CA ALA A 292 3.08 24.83 -13.26
C ALA A 292 4.37 24.56 -14.03
N SER A 293 4.50 23.34 -14.52
CA SER A 293 5.67 22.90 -15.26
C SER A 293 5.49 23.17 -16.75
N LYS A 294 6.60 23.53 -17.41
CA LYS A 294 6.65 23.74 -18.85
C LYS A 294 7.33 22.55 -19.54
N PHE A 295 6.81 22.15 -20.69
CA PHE A 295 7.20 20.91 -21.36
C PHE A 295 7.77 21.09 -22.75
N TYR A 296 7.58 22.24 -23.38
CA TYR A 296 8.15 22.50 -24.70
C TYR A 296 7.67 21.46 -25.71
N PHE A 297 6.39 21.07 -25.60
CA PHE A 297 5.82 20.13 -26.52
C PHE A 297 5.49 20.74 -27.88
N GLU A 298 5.54 22.08 -28.01
CA GLU A 298 5.42 22.70 -29.32
C GLU A 298 6.44 22.09 -30.28
N LYS A 299 7.56 21.62 -29.75
CA LYS A 299 8.70 21.15 -30.53
C LYS A 299 8.79 19.63 -30.61
N ALA A 300 7.71 18.93 -30.26
CA ALA A 300 7.77 17.48 -30.28
C ALA A 300 7.53 16.95 -31.69
N LYS A 301 8.06 15.75 -31.93
CA LYS A 301 7.87 15.07 -33.21
C LYS A 301 6.50 14.38 -33.26
N ILE A 302 5.98 14.00 -32.10
CA ILE A 302 4.78 13.18 -32.00
C ILE A 302 3.57 14.11 -31.95
N GLU A 303 2.65 13.93 -32.89
CA GLU A 303 1.47 14.79 -32.93
C GLU A 303 0.69 14.72 -31.63
N GLY A 304 0.67 13.54 -31.00
CA GLY A 304 -0.08 13.38 -29.76
C GLY A 304 0.42 14.28 -28.63
N LEU A 305 1.73 14.53 -28.57
CA LEU A 305 2.26 15.49 -27.62
C LEU A 305 2.03 16.93 -28.06
N LYS A 306 2.26 17.23 -29.35
CA LYS A 306 1.98 18.58 -29.83
C LYS A 306 0.54 18.96 -29.54
N ASN A 307 -0.37 17.98 -29.55
CA ASN A 307 -1.78 18.27 -29.31
C ASN A 307 -2.05 18.78 -27.90
N TYR A 308 -1.16 18.51 -26.93
CA TYR A 308 -1.38 19.05 -25.59
C TYR A 308 -1.47 20.57 -25.63
N CYS A 309 -0.68 21.20 -26.51
CA CYS A 309 -0.70 22.64 -26.63
C CYS A 309 -2.02 23.16 -27.20
N LYS A 310 -2.78 22.31 -27.87
CA LYS A 310 -4.09 22.66 -28.41
C LYS A 310 -5.21 22.25 -27.48
N GLY A 311 -4.87 21.68 -26.32
CA GLY A 311 -5.87 21.36 -25.31
C GLY A 311 -6.13 19.89 -25.10
N SER A 312 -5.50 19.01 -25.87
CA SER A 312 -5.69 17.59 -25.61
C SER A 312 -4.99 17.22 -24.31
N VAL A 313 -5.66 16.40 -23.48
CA VAL A 313 -5.15 15.84 -22.22
C VAL A 313 -4.93 16.87 -21.13
N LYS A 314 -3.89 17.70 -21.30
CA LYS A 314 -3.48 18.79 -20.44
C LYS A 314 -2.75 18.36 -19.16
N GLU A 315 -3.29 17.38 -18.44
CA GLU A 315 -2.88 17.07 -17.08
C GLU A 315 -3.44 15.71 -16.70
N GLY A 316 -2.86 15.13 -15.66
CA GLY A 316 -3.42 13.95 -15.02
C GLY A 316 -2.33 13.01 -14.55
N VAL A 317 -2.71 12.08 -13.68
CA VAL A 317 -1.80 11.09 -13.15
C VAL A 317 -0.61 11.79 -12.47
N GLY A 318 -0.87 12.95 -11.90
CA GLY A 318 0.16 13.72 -11.24
C GLY A 318 1.24 14.31 -12.13
N ALA A 319 1.04 14.32 -13.45
CA ALA A 319 2.12 14.68 -14.39
C ALA A 319 2.68 16.07 -14.10
N GLY A 320 1.81 17.06 -13.98
CA GLY A 320 2.29 18.41 -13.79
C GLY A 320 3.09 18.57 -12.51
N GLY A 321 2.61 17.99 -11.42
CA GLY A 321 3.24 18.18 -10.13
C GLY A 321 4.52 17.40 -9.98
N ILE A 322 4.54 16.19 -10.52
CA ILE A 322 5.79 15.41 -10.46
C ILE A 322 6.83 16.05 -11.35
N ALA A 323 6.40 16.69 -12.45
CA ALA A 323 7.35 17.40 -13.29
C ALA A 323 7.87 18.67 -12.59
N VAL A 324 7.00 19.37 -11.86
CA VAL A 324 7.48 20.50 -11.05
C VAL A 324 8.57 20.04 -10.09
N TYR A 325 8.31 18.96 -9.34
CA TYR A 325 9.32 18.43 -8.44
C TYR A 325 10.62 18.14 -9.19
N SER A 326 10.50 17.48 -10.33
CA SER A 326 11.68 17.03 -11.06
C SER A 326 12.49 18.21 -11.59
N ILE A 327 11.81 19.20 -12.18
CA ILE A 327 12.48 20.37 -12.75
C ILE A 327 13.13 21.21 -11.65
N VAL A 328 12.45 21.39 -10.53
CA VAL A 328 13.07 22.11 -9.42
C VAL A 328 14.33 21.40 -8.96
N ASN A 329 14.34 20.07 -9.01
CA ASN A 329 15.50 19.27 -8.64
C ASN A 329 16.39 18.95 -9.84
N ASP A 330 16.38 19.82 -10.85
CA ASP A 330 17.44 19.95 -11.84
C ASP A 330 17.28 19.03 -13.05
N LEU A 331 16.11 18.43 -13.22
CA LEU A 331 15.83 17.73 -14.46
C LEU A 331 15.63 18.72 -15.60
N GLU A 332 16.37 18.55 -16.67
CA GLU A 332 16.18 19.35 -17.88
C GLU A 332 14.79 19.06 -18.43
N PRO A 333 13.91 20.06 -18.55
CA PRO A 333 12.52 19.74 -18.95
C PRO A 333 12.37 18.94 -20.22
N THR A 334 13.22 19.17 -21.24
CA THR A 334 13.08 18.46 -22.50
C THR A 334 13.47 16.98 -22.42
N LYS A 335 14.09 16.55 -21.32
CA LYS A 335 14.33 15.13 -21.12
C LYS A 335 13.01 14.36 -20.99
N ILE A 336 11.94 15.02 -20.53
CA ILE A 336 10.63 14.39 -20.46
C ILE A 336 10.11 14.07 -21.86
N ARG A 337 10.02 15.10 -22.71
CA ARG A 337 9.62 14.91 -24.10
C ARG A 337 10.46 13.84 -24.79
N GLU A 338 11.78 13.89 -24.57
CA GLU A 338 12.68 12.93 -25.21
C GLU A 338 12.44 11.51 -24.71
N PHE A 339 12.23 11.35 -23.41
CA PHE A 339 11.93 10.01 -22.88
C PHE A 339 10.66 9.45 -23.52
N ILE A 340 9.62 10.27 -23.60
CA ILE A 340 8.37 9.81 -24.19
C ILE A 340 8.57 9.44 -25.65
N GLU A 341 9.30 10.28 -26.38
CA GLU A 341 9.55 9.97 -27.79
C GLU A 341 10.31 8.65 -27.93
N ASN A 342 11.24 8.39 -27.04
CA ASN A 342 12.04 7.17 -27.11
C ASN A 342 11.21 5.93 -26.81
N LYS A 343 10.23 6.03 -25.91
CA LYS A 343 9.43 4.86 -25.54
C LYS A 343 8.12 4.74 -26.31
N PHE A 344 7.80 5.72 -27.17
CA PHE A 344 6.46 5.79 -27.72
C PHE A 344 6.13 4.55 -28.54
N TYR A 345 7.12 3.99 -29.23
CA TYR A 345 6.85 2.81 -30.03
C TYR A 345 6.60 1.58 -29.15
N GLU A 346 7.41 1.40 -28.12
CA GLU A 346 7.14 0.32 -27.16
C GLU A 346 5.74 0.47 -26.56
N TRP A 347 5.32 1.69 -26.24
CA TRP A 347 4.01 1.87 -25.59
C TRP A 347 2.84 1.75 -26.56
N TYR A 348 2.90 2.44 -27.72
CA TYR A 348 1.76 2.56 -28.61
C TYR A 348 1.97 1.94 -29.97
N LYS A 349 3.18 1.42 -30.25
CA LYS A 349 3.53 0.87 -31.56
C LYS A 349 3.38 1.93 -32.66
N GLU A 350 3.73 3.17 -32.34
CA GLU A 350 3.70 4.29 -33.28
C GLU A 350 5.04 5.02 -33.24
N MET B 1 20.50 -10.12 28.53
CA MET B 1 19.29 -9.33 28.89
C MET B 1 18.05 -9.91 28.20
N SER B 2 17.32 -9.09 27.44
CA SER B 2 15.99 -9.45 26.99
C SER B 2 15.95 -9.89 25.53
N ILE B 3 17.11 -10.13 24.91
CA ILE B 3 17.21 -10.69 23.57
C ILE B 3 18.08 -11.94 23.65
N ILE B 4 17.58 -13.05 23.15
CA ILE B 4 18.37 -14.26 22.98
C ILE B 4 18.91 -14.28 21.55
N ALA B 5 20.23 -14.38 21.39
CA ALA B 5 20.85 -14.30 20.08
C ALA B 5 21.60 -15.57 19.77
N ILE B 6 21.35 -16.12 18.58
CA ILE B 6 22.11 -17.22 18.02
C ILE B 6 22.78 -16.70 16.76
N ASN B 7 24.10 -16.82 16.69
CA ASN B 7 24.85 -16.41 15.50
C ASN B 7 24.60 -14.94 15.17
N GLU B 8 24.69 -14.10 16.21
CA GLU B 8 24.30 -12.70 16.08
C GLU B 8 25.08 -11.98 15.00
N ASN B 9 26.39 -12.19 14.93
CA ASN B 9 27.25 -11.71 13.84
C ASN B 9 27.05 -10.22 13.52
N GLY B 10 27.01 -9.42 14.58
CA GLY B 10 26.93 -7.97 14.41
C GLY B 10 25.61 -7.43 13.91
N PHE B 11 24.58 -8.28 13.78
CA PHE B 11 23.33 -7.80 13.18
C PHE B 11 22.63 -6.78 14.06
N LEU B 12 22.65 -6.97 15.39
CA LEU B 12 21.92 -6.04 16.26
C LEU B 12 22.42 -4.60 16.11
N ASP B 13 23.72 -4.40 15.88
CA ASP B 13 24.23 -3.05 15.73
C ASP B 13 23.82 -2.42 14.40
N LYS B 14 23.44 -3.23 13.41
CA LYS B 14 22.95 -2.68 12.15
C LYS B 14 21.55 -2.11 12.28
N ILE B 15 20.83 -2.40 13.36
CA ILE B 15 19.44 -1.96 13.51
C ILE B 15 19.24 -0.94 14.61
N LYS B 16 20.23 -0.70 15.48
CA LYS B 16 20.09 0.31 16.52
C LYS B 16 20.07 1.69 15.89
N GLY B 17 19.00 2.44 16.14
CA GLY B 17 18.85 3.78 15.61
C GLY B 17 18.42 3.85 14.17
N ARG B 18 18.10 2.74 13.52
CA ARG B 18 17.66 2.76 12.13
C ARG B 18 16.15 2.87 12.04
N ASN B 19 15.71 3.57 10.99
CA ASN B 19 14.29 3.84 10.75
C ASN B 19 13.60 2.62 10.15
N PRO B 20 12.61 2.03 10.85
CA PRO B 20 11.97 0.81 10.34
C PRO B 20 10.66 1.06 9.60
N LEU B 21 10.32 0.13 8.72
CA LEU B 21 8.95 -0.05 8.26
C LEU B 21 8.55 -1.46 8.68
N PHE B 22 7.40 -1.59 9.33
CA PHE B 22 6.83 -2.89 9.64
C PHE B 22 5.73 -3.23 8.64
N THR B 23 5.79 -4.42 8.06
CA THR B 23 4.71 -4.89 7.19
CA THR B 23 4.75 -4.91 7.15
C THR B 23 4.38 -6.33 7.56
N CYS B 24 3.09 -6.61 7.67
CA CYS B 24 2.62 -7.98 7.85
C CYS B 24 1.96 -8.43 6.55
N VAL B 25 2.40 -9.59 6.05
CA VAL B 25 1.86 -10.19 4.84
C VAL B 25 0.90 -11.30 5.27
N ILE B 26 -0.33 -11.22 4.80
CA ILE B 26 -1.40 -12.13 5.23
C ILE B 26 -1.86 -13.02 4.07
N SER B 27 -2.29 -14.22 4.44
CA SER B 27 -2.88 -15.15 3.49
C SER B 27 -3.75 -16.10 4.29
N SER B 28 -4.69 -16.70 3.59
CA SER B 28 -5.47 -17.82 4.13
C SER B 28 -5.22 -19.03 3.26
N ILE B 29 -5.42 -20.22 3.85
CA ILE B 29 -5.17 -21.50 3.18
C ILE B 29 -6.47 -22.30 3.13
N GLU B 30 -6.91 -22.65 1.91
CA GLU B 30 -8.20 -23.34 1.77
C GLU B 30 -8.28 -24.62 2.59
N THR B 31 -7.17 -25.35 2.71
CA THR B 31 -7.16 -26.57 3.52
C THR B 31 -7.71 -26.35 4.92
N THR B 32 -7.44 -25.20 5.53
CA THR B 32 -7.85 -24.97 6.91
C THR B 32 -9.35 -24.93 7.07
N LEU B 33 -10.10 -24.77 5.98
CA LEU B 33 -11.57 -24.79 6.05
C LEU B 33 -12.11 -26.18 6.34
N SER B 34 -11.36 -27.23 6.02
CA SER B 34 -11.85 -28.60 6.10
C SER B 34 -10.98 -29.56 6.90
N ILE B 35 -9.74 -29.21 7.21
CA ILE B 35 -8.80 -30.09 7.88
C ILE B 35 -8.19 -29.32 9.03
N PRO B 36 -8.16 -29.84 10.26
CA PRO B 36 -7.76 -29.05 11.43
C PRO B 36 -6.24 -28.95 11.63
N ILE B 37 -5.56 -28.41 10.63
CA ILE B 37 -4.12 -28.24 10.73
C ILE B 37 -3.70 -27.05 11.59
N SER B 38 -4.55 -26.05 11.79
CA SER B 38 -4.14 -24.81 12.44
C SER B 38 -4.47 -24.78 13.93
N GLY B 39 -3.62 -24.08 14.68
CA GLY B 39 -3.85 -23.77 16.08
C GLY B 39 -4.70 -22.55 16.35
N VAL B 40 -5.08 -21.81 15.31
CA VAL B 40 -5.99 -20.67 15.47
C VAL B 40 -7.39 -21.22 15.70
N HIS B 41 -8.15 -20.62 16.61
CA HIS B 41 -9.48 -21.16 16.94
C HIS B 41 -10.36 -21.25 15.70
N ARG B 42 -11.05 -22.40 15.52
CA ARG B 42 -11.85 -22.60 14.31
C ARG B 42 -12.95 -21.57 14.15
N ASP B 43 -13.42 -20.97 15.25
CA ASP B 43 -14.53 -20.05 15.14
C ASP B 43 -14.11 -18.71 14.54
N VAL B 44 -12.81 -18.42 14.51
CA VAL B 44 -12.31 -17.14 14.04
C VAL B 44 -11.30 -17.26 12.90
N ILE B 45 -10.89 -18.45 12.52
CA ILE B 45 -9.75 -18.61 11.61
C ILE B 45 -9.98 -17.90 10.27
N LYS B 46 -11.21 -17.91 9.76
CA LYS B 46 -11.46 -17.28 8.46
C LYS B 46 -11.19 -15.78 8.49
N TYR B 47 -11.37 -15.17 9.65
CA TYR B 47 -11.28 -13.73 9.85
C TYR B 47 -9.96 -13.31 10.45
N THR B 48 -9.10 -14.25 10.80
CA THR B 48 -7.96 -13.94 11.67
C THR B 48 -6.91 -13.08 10.98
N PRO B 49 -6.49 -13.38 9.75
CA PRO B 49 -5.42 -12.52 9.16
C PRO B 49 -5.82 -11.07 9.10
N SER B 50 -7.06 -10.81 8.68
CA SER B 50 -7.48 -9.42 8.55
CA SER B 50 -7.50 -9.42 8.54
C SER B 50 -7.71 -8.77 9.90
N ALA B 51 -8.31 -9.49 10.85
CA ALA B 51 -8.52 -8.92 12.18
C ALA B 51 -7.19 -8.60 12.85
N ASP B 52 -6.17 -9.43 12.61
CA ASP B 52 -4.84 -9.20 13.16
C ASP B 52 -4.26 -7.87 12.68
N VAL B 53 -4.27 -7.63 11.36
CA VAL B 53 -3.66 -6.41 10.85
C VAL B 53 -4.50 -5.19 11.16
N GLU B 54 -5.84 -5.33 11.24
CA GLU B 54 -6.67 -4.23 11.73
C GLU B 54 -6.25 -3.82 13.14
N LEU B 55 -6.04 -4.78 14.03
CA LEU B 55 -5.61 -4.44 15.39
C LEU B 55 -4.29 -3.68 15.36
N VAL B 56 -3.33 -4.11 14.56
CA VAL B 56 -2.03 -3.46 14.53
C VAL B 56 -2.14 -2.05 14.00
N PHE B 57 -2.88 -1.86 12.90
CA PHE B 57 -2.84 -0.58 12.19
C PHE B 57 -3.80 0.43 12.79
N TYR B 58 -4.94 -0.04 13.27
CA TYR B 58 -6.04 0.83 13.70
C TYR B 58 -6.30 0.77 15.20
N GLY B 59 -5.91 -0.30 15.87
CA GLY B 59 -6.04 -0.39 17.31
C GLY B 59 -7.22 -1.20 17.76
N LYS B 60 -7.96 -1.79 16.82
CA LYS B 60 -9.00 -2.73 17.16
C LYS B 60 -9.36 -3.52 15.92
N SER B 61 -9.91 -4.70 16.14
CA SER B 61 -10.39 -5.51 15.03
C SER B 61 -11.72 -4.97 14.57
N LEU B 62 -11.95 -5.08 13.27
CA LEU B 62 -13.15 -4.56 12.63
C LEU B 62 -13.93 -5.66 11.95
N THR B 63 -13.23 -6.70 11.49
CA THR B 63 -13.80 -7.88 10.84
C THR B 63 -14.41 -8.81 11.88
N LEU B 64 -13.91 -8.76 13.13
CA LEU B 64 -14.43 -9.46 14.29
C LEU B 64 -14.68 -8.46 15.40
N LYS B 65 -15.60 -8.78 16.31
CA LYS B 65 -15.89 -7.84 17.40
C LYS B 65 -14.76 -7.81 18.45
N THR B 66 -14.07 -8.93 18.69
CA THR B 66 -12.88 -8.99 19.53
C THR B 66 -11.77 -9.61 18.70
N PRO B 67 -10.51 -9.36 19.05
CA PRO B 67 -9.41 -9.91 18.21
C PRO B 67 -9.30 -11.42 18.32
N PRO B 68 -8.56 -12.04 17.41
CA PRO B 68 -8.52 -13.50 17.33
C PRO B 68 -7.88 -14.14 18.57
N ILE B 69 -8.09 -15.47 18.66
CA ILE B 69 -7.56 -16.28 19.76
C ILE B 69 -7.10 -17.61 19.16
N ASP B 70 -6.19 -18.28 19.88
CA ASP B 70 -5.80 -19.64 19.49
C ASP B 70 -6.80 -20.65 20.08
N ALA B 71 -6.53 -21.92 19.84
CA ALA B 71 -7.45 -22.96 20.26
C ALA B 71 -7.68 -22.96 21.76
N THR B 72 -6.68 -22.54 22.54
CA THR B 72 -6.78 -22.53 23.99
C THR B 72 -7.36 -21.23 24.55
N GLY B 73 -7.72 -20.29 23.68
CA GLY B 73 -8.32 -19.04 24.10
C GLY B 73 -7.36 -17.90 24.37
N SER B 74 -6.06 -18.10 24.14
CA SER B 74 -5.08 -17.05 24.35
C SER B 74 -5.16 -16.01 23.23
N PRO B 75 -4.84 -14.76 23.52
CA PRO B 75 -5.03 -13.69 22.54
C PRO B 75 -3.99 -13.70 21.44
N THR B 76 -4.42 -13.20 20.30
CA THR B 76 -3.57 -13.06 19.13
C THR B 76 -2.26 -12.36 19.49
N PRO B 77 -1.15 -12.76 18.86
CA PRO B 77 0.11 -12.05 19.04
C PRO B 77 0.10 -10.66 18.42
N ALA B 78 -0.93 -10.33 17.64
CA ALA B 78 -1.07 -8.94 17.21
C ALA B 78 -1.18 -7.98 18.38
N THR B 79 -1.54 -8.46 19.57
CA THR B 79 -1.52 -7.62 20.77
C THR B 79 -0.11 -7.09 21.04
N ILE B 80 0.91 -7.96 20.93
CA ILE B 80 2.29 -7.56 21.08
C ILE B 80 2.68 -6.57 19.99
N THR B 81 2.34 -6.89 18.75
CA THR B 81 2.74 -6.05 17.63
C THR B 81 2.12 -4.66 17.76
N ARG B 82 0.84 -4.58 18.12
CA ARG B 82 0.21 -3.28 18.34
C ARG B 82 0.92 -2.53 19.47
N ALA B 83 1.27 -3.21 20.55
CA ALA B 83 1.97 -2.54 21.63
C ALA B 83 3.25 -1.91 21.13
N CYS B 84 4.02 -2.63 20.32
CA CYS B 84 5.28 -2.09 19.82
C CYS B 84 5.06 -0.95 18.84
N VAL B 85 4.07 -1.07 17.95
CA VAL B 85 3.78 0.02 17.01
C VAL B 85 3.46 1.30 17.75
N GLU B 86 2.67 1.20 18.81
CA GLU B 86 2.31 2.40 19.59
C GLU B 86 3.48 2.89 20.44
N LEU B 87 4.16 1.98 21.15
CA LEU B 87 5.19 2.41 22.10
C LEU B 87 6.43 2.98 21.41
N LYS B 88 6.72 2.54 20.18
CA LYS B 88 7.91 2.98 19.47
C LYS B 88 7.58 3.74 18.19
N ASN B 89 6.31 4.05 17.96
CA ASN B 89 5.91 4.89 16.83
C ASN B 89 6.38 4.31 15.49
N ILE B 90 6.06 3.04 15.29
CA ILE B 90 6.56 2.29 14.13
C ILE B 90 5.54 2.35 13.00
N LYS B 91 5.94 2.91 11.87
CA LYS B 91 5.07 2.94 10.70
C LYS B 91 4.82 1.53 10.21
N ASN B 92 3.59 1.27 9.81
CA ASN B 92 3.19 -0.07 9.43
C ASN B 92 2.22 0.00 8.27
N LEU B 93 2.41 -0.93 7.33
CA LEU B 93 1.58 -1.02 6.13
C LEU B 93 1.48 -2.50 5.82
N HIS B 94 0.28 -2.99 5.61
CA HIS B 94 0.03 -4.44 5.52
C HIS B 94 -0.40 -4.87 4.14
N ILE B 95 -0.08 -6.12 3.83
CA ILE B 95 -0.11 -6.67 2.49
C ILE B 95 -1.00 -7.91 2.48
N ASP B 96 -1.95 -7.95 1.56
CA ASP B 96 -2.80 -9.11 1.35
C ASP B 96 -2.28 -9.97 0.21
N ALA B 97 -2.04 -11.25 0.51
CA ALA B 97 -1.74 -12.28 -0.48
C ALA B 97 -2.74 -13.42 -0.29
N GLY B 98 -4.01 -13.08 -0.14
CA GLY B 98 -5.06 -14.09 -0.22
C GLY B 98 -5.83 -14.39 1.06
N ALA B 99 -6.05 -13.43 1.93
CA ALA B 99 -6.92 -13.68 3.08
C ALA B 99 -8.35 -13.96 2.62
N PHE B 100 -9.04 -14.86 3.35
CA PHE B 100 -10.41 -15.20 2.95
C PHE B 100 -11.32 -13.98 2.99
N VAL B 101 -11.15 -13.13 4.01
CA VAL B 101 -11.90 -11.92 4.26
C VAL B 101 -10.87 -10.79 4.26
N LYS B 102 -11.10 -9.73 3.50
CA LYS B 102 -10.08 -8.68 3.39
C LYS B 102 -10.13 -7.67 4.54
N PRO B 103 -9.00 -7.02 4.83
CA PRO B 103 -8.98 -6.03 5.90
C PRO B 103 -9.90 -4.85 5.59
N LYS B 104 -10.45 -4.28 6.64
CA LYS B 104 -11.27 -3.07 6.50
C LYS B 104 -10.43 -1.79 6.59
N ILE B 105 -9.15 -1.92 6.93
CA ILE B 105 -8.18 -0.84 6.91
C ILE B 105 -7.62 -0.73 5.50
N PRO B 106 -6.99 0.38 5.13
CA PRO B 106 -6.21 0.41 3.89
C PRO B 106 -5.16 -0.69 3.94
N PHE B 107 -4.99 -1.38 2.82
CA PHE B 107 -4.00 -2.46 2.74
C PHE B 107 -3.53 -2.59 1.31
N ILE B 108 -2.35 -3.17 1.13
CA ILE B 108 -1.78 -3.40 -0.20
C ILE B 108 -2.29 -4.73 -0.73
N GLU B 109 -3.00 -4.70 -1.83
CA GLU B 109 -3.50 -5.92 -2.43
C GLU B 109 -2.51 -6.45 -3.46
N ILE B 110 -1.95 -7.62 -3.21
CA ILE B 110 -1.10 -8.31 -4.18
C ILE B 110 -1.82 -9.45 -4.89
N ASP B 111 -2.67 -10.21 -4.19
CA ASP B 111 -3.40 -11.32 -4.81
C ASP B 111 -4.67 -11.56 -3.99
N GLU B 112 -5.83 -11.40 -4.61
CA GLU B 112 -7.07 -11.61 -3.90
C GLU B 112 -7.30 -13.06 -3.52
N LYS B 113 -6.77 -14.01 -4.30
CA LYS B 113 -7.21 -15.39 -4.21
C LYS B 113 -6.45 -16.10 -3.08
N PRO B 114 -7.13 -16.83 -2.21
CA PRO B 114 -6.42 -17.56 -1.15
C PRO B 114 -5.44 -18.59 -1.66
N THR B 115 -4.52 -18.95 -0.78
CA THR B 115 -3.72 -20.16 -0.96
C THR B 115 -4.66 -21.35 -1.03
N GLY B 116 -4.36 -22.26 -1.94
CA GLY B 116 -5.25 -23.38 -2.26
C GLY B 116 -5.13 -24.59 -1.36
N ARG B 117 -5.45 -25.75 -1.94
CA ARG B 117 -5.51 -27.01 -1.20
C ARG B 117 -4.13 -27.65 -1.20
N ILE B 118 -3.46 -27.61 -0.05
CA ILE B 118 -2.10 -28.13 0.09
C ILE B 118 -2.07 -29.62 -0.16
N GLU B 119 -3.07 -30.33 0.35
CA GLU B 119 -3.09 -31.79 0.24
C GLU B 119 -3.29 -32.25 -1.19
N GLU B 120 -3.73 -31.35 -2.09
CA GLU B 120 -3.86 -31.64 -3.51
C GLU B 120 -2.63 -31.21 -4.30
N GLY B 121 -1.67 -30.57 -3.64
CA GLY B 121 -0.50 -30.06 -4.32
C GLY B 121 -0.82 -28.89 -5.21
N LYS B 122 -1.85 -28.14 -4.87
CA LYS B 122 -2.33 -27.02 -5.67
C LYS B 122 -2.43 -25.74 -4.82
N ALA B 123 -1.38 -25.46 -4.07
CA ALA B 123 -1.32 -24.24 -3.26
C ALA B 123 -1.50 -22.99 -4.11
N MET B 124 -0.81 -22.91 -5.25
CA MET B 124 -0.87 -21.72 -6.10
C MET B 124 -0.27 -22.09 -7.44
N ASN B 125 -0.56 -21.26 -8.45
CA ASN B 125 0.05 -21.43 -9.77
C ASN B 125 0.96 -20.27 -10.13
N ASN B 126 1.22 -19.36 -9.19
CA ASN B 126 1.80 -18.06 -9.54
C ASN B 126 2.89 -17.64 -8.56
N SER B 127 3.63 -18.58 -7.97
CA SER B 127 4.64 -18.19 -6.99
C SER B 127 5.71 -17.28 -7.57
N LYS B 128 6.10 -17.49 -8.83
CA LYS B 128 7.12 -16.62 -9.41
C LYS B 128 6.60 -15.20 -9.57
N GLU B 129 5.36 -15.06 -10.02
CA GLU B 129 4.77 -13.73 -10.15
C GLU B 129 4.61 -13.03 -8.79
N LEU B 130 4.25 -13.78 -7.75
CA LEU B 130 4.13 -13.19 -6.42
C LEU B 130 5.47 -12.72 -5.90
N TYR B 131 6.54 -13.48 -6.16
CA TYR B 131 7.88 -13.06 -5.83
C TYR B 131 8.21 -11.75 -6.54
N MET B 132 7.92 -11.67 -7.84
CA MET B 132 8.24 -10.46 -8.60
C MET B 132 7.47 -9.27 -8.06
N LYS B 133 6.21 -9.47 -7.70
CA LYS B 133 5.41 -8.39 -7.11
C LYS B 133 5.95 -7.94 -5.77
N GLY B 134 6.36 -8.86 -4.91
CA GLY B 134 6.95 -8.46 -3.64
C GLY B 134 8.24 -7.67 -3.85
N TYR B 135 9.05 -8.08 -4.83
CA TYR B 135 10.30 -7.39 -5.10
C TYR B 135 10.05 -5.99 -5.62
N LEU B 136 9.12 -5.85 -6.56
CA LEU B 136 8.88 -4.54 -7.15
C LEU B 136 8.24 -3.60 -6.13
N LEU B 137 7.32 -4.11 -5.32
CA LEU B 137 6.81 -3.34 -4.20
C LEU B 137 7.95 -2.90 -3.27
N GLY B 138 8.84 -3.83 -2.92
CA GLY B 138 9.90 -3.52 -1.98
C GLY B 138 10.79 -2.39 -2.45
N LYS B 139 11.03 -2.33 -3.76
CA LYS B 139 11.86 -1.24 -4.29
C LYS B 139 11.24 0.13 -4.09
N ASN B 140 9.92 0.20 -3.89
CA ASN B 140 9.22 1.46 -3.68
C ASN B 140 8.94 1.78 -2.23
N LEU B 141 9.42 0.96 -1.30
CA LEU B 141 9.28 1.21 0.13
C LEU B 141 10.58 1.80 0.64
N ASP B 142 10.49 2.96 1.29
CA ASP B 142 11.67 3.66 1.77
C ASP B 142 11.74 3.50 3.27
N ALA B 143 12.70 2.72 3.75
CA ALA B 143 13.02 2.61 5.16
C ALA B 143 14.46 2.17 5.24
N GLU B 144 15.06 2.32 6.42
CA GLU B 144 16.42 1.84 6.61
C GLU B 144 16.47 0.37 7.02
N LEU B 145 15.35 -0.20 7.45
CA LEU B 145 15.25 -1.56 7.95
C LEU B 145 13.84 -2.00 7.63
N LEU B 146 13.71 -3.21 7.11
CA LEU B 146 12.40 -3.81 6.90
C LEU B 146 12.15 -4.85 7.98
N ILE B 147 11.02 -4.76 8.66
CA ILE B 147 10.57 -5.79 9.61
C ILE B 147 9.33 -6.39 8.97
N VAL B 148 9.41 -7.64 8.49
CA VAL B 148 8.31 -8.24 7.72
C VAL B 148 7.78 -9.44 8.46
N GLY B 149 6.52 -9.37 8.88
CA GLY B 149 5.84 -10.47 9.55
C GLY B 149 4.80 -11.12 8.66
N GLU B 150 4.09 -12.08 9.26
CA GLU B 150 3.04 -12.81 8.55
C GLU B 150 1.84 -13.00 9.45
N SER B 151 0.68 -13.19 8.84
CA SER B 151 -0.41 -13.86 9.54
C SER B 151 -1.06 -14.82 8.55
N VAL B 152 -0.75 -16.11 8.71
CA VAL B 152 -1.24 -17.16 7.82
C VAL B 152 -1.63 -18.35 8.69
N PRO B 153 -2.90 -18.47 9.06
CA PRO B 153 -3.33 -19.67 9.80
C PRO B 153 -3.18 -20.89 8.92
N GLY B 154 -2.52 -21.94 9.47
CA GLY B 154 -2.11 -23.08 8.66
C GLY B 154 -0.66 -22.98 8.17
N GLY B 155 -0.03 -21.84 8.42
CA GLY B 155 1.27 -21.58 7.84
C GLY B 155 2.40 -22.44 8.37
N THR B 156 2.26 -23.02 9.56
CA THR B 156 3.30 -23.95 9.98
C THR B 156 3.25 -25.25 9.17
N THR B 157 2.10 -25.59 8.61
CA THR B 157 2.01 -26.75 7.72
C THR B 157 2.64 -26.48 6.36
N THR B 158 2.34 -25.33 5.77
CA THR B 158 3.00 -25.00 4.51
C THR B 158 4.49 -24.83 4.73
N ALA B 159 4.91 -24.26 5.87
CA ALA B 159 6.35 -24.18 6.14
C ALA B 159 6.98 -25.57 6.11
N LEU B 160 6.36 -26.54 6.78
CA LEU B 160 6.85 -27.92 6.78
C LEU B 160 6.92 -28.46 5.36
N GLY B 161 5.87 -28.25 4.59
CA GLY B 161 5.85 -28.78 3.23
C GLY B 161 6.95 -28.21 2.36
N VAL B 162 7.19 -26.92 2.47
CA VAL B 162 8.22 -26.30 1.65
C VAL B 162 9.59 -26.77 2.06
N LEU B 163 9.85 -26.84 3.36
CA LEU B 163 11.14 -27.34 3.83
C LEU B 163 11.35 -28.78 3.36
N LEU B 164 10.33 -29.64 3.50
CA LEU B 164 10.49 -31.03 3.05
C LEU B 164 10.68 -31.11 1.55
N GLY B 165 9.93 -30.32 0.78
CA GLY B 165 10.03 -30.36 -0.66
C GLY B 165 11.37 -29.88 -1.17
N LEU B 166 12.01 -28.98 -0.45
CA LEU B 166 13.36 -28.54 -0.78
C LEU B 166 14.44 -29.48 -0.24
N GLY B 167 14.07 -30.55 0.45
CA GLY B 167 15.06 -31.53 0.89
C GLY B 167 15.59 -31.41 2.30
N TYR B 168 15.04 -30.53 3.13
CA TYR B 168 15.50 -30.33 4.49
C TYR B 168 14.92 -31.39 5.43
N ASP B 169 15.59 -31.56 6.56
CA ASP B 169 15.13 -32.43 7.65
C ASP B 169 14.26 -31.58 8.57
N ALA B 170 12.95 -31.64 8.36
CA ALA B 170 12.02 -30.76 9.06
C ALA B 170 10.85 -31.48 9.71
N GLU B 171 10.68 -32.78 9.50
CA GLU B 171 9.57 -33.46 10.14
C GLU B 171 9.69 -33.32 11.65
N GLY B 172 8.57 -32.96 12.29
CA GLY B 172 8.58 -32.74 13.72
C GLY B 172 9.29 -31.49 14.19
N LYS B 173 9.80 -30.65 13.29
CA LYS B 173 10.57 -29.49 13.70
C LYS B 173 9.80 -28.16 13.57
N VAL B 174 8.67 -28.17 12.91
CA VAL B 174 7.93 -26.92 12.72
C VAL B 174 7.08 -26.67 13.96
N SER B 175 6.78 -25.40 14.21
CA SER B 175 6.04 -25.11 15.43
C SER B 175 4.53 -25.32 15.21
N SER B 176 3.75 -24.71 16.07
CA SER B 176 2.30 -24.63 15.91
C SER B 176 1.81 -23.38 16.62
N GLY B 177 0.70 -22.85 16.17
CA GLY B 177 0.09 -21.71 16.81
C GLY B 177 -0.66 -21.98 18.08
N SER B 178 -0.61 -23.21 18.58
CA SER B 178 -1.23 -23.53 19.86
C SER B 178 -0.40 -24.62 20.54
N ILE B 179 -0.89 -25.05 21.72
CA ILE B 179 -0.13 -26.01 22.52
C ILE B 179 0.00 -27.33 21.79
N ASN B 180 -1.11 -27.84 21.25
CA ASN B 180 -1.09 -29.08 20.49
C ASN B 180 -0.43 -28.84 19.14
N ASN B 181 0.40 -29.77 18.70
CA ASN B 181 1.01 -29.71 17.38
C ASN B 181 0.72 -31.04 16.68
N PRO B 182 -0.29 -31.11 15.80
CA PRO B 182 -0.68 -32.39 15.15
C PRO B 182 0.25 -32.77 14.00
N HIS B 183 1.47 -33.18 14.37
CA HIS B 183 2.51 -33.43 13.37
C HIS B 183 2.09 -34.50 12.37
N GLU B 184 1.42 -35.56 12.84
CA GLU B 184 1.09 -36.66 11.92
C GLU B 184 0.14 -36.18 10.85
N LEU B 185 -0.84 -35.36 11.24
CA LEU B 185 -1.75 -34.76 10.27
C LEU B 185 -1.00 -33.85 9.30
N LYS B 186 -0.11 -32.98 9.81
CA LYS B 186 0.61 -32.07 8.92
C LYS B 186 1.48 -32.82 7.92
N ILE B 187 2.19 -33.85 8.35
CA ILE B 187 3.00 -34.67 7.44
C ILE B 187 2.11 -35.35 6.40
N LYS B 188 0.97 -35.88 6.82
CA LYS B 188 0.07 -36.52 5.87
C LYS B 188 -0.34 -35.55 4.78
N VAL B 189 -0.72 -34.34 5.16
CA VAL B 189 -1.18 -33.31 4.23
C VAL B 189 -0.08 -32.94 3.24
N VAL B 190 1.10 -32.61 3.75
CA VAL B 190 2.11 -32.10 2.83
C VAL B 190 2.72 -33.20 1.99
N ARG B 191 2.88 -34.40 2.55
CA ARG B 191 3.42 -35.50 1.75
C ARG B 191 2.47 -35.84 0.61
N GLU B 192 1.16 -35.77 0.87
CA GLU B 192 0.18 -36.03 -0.19
C GLU B 192 0.31 -34.98 -1.28
N GLY B 193 0.47 -33.71 -0.89
CA GLY B 193 0.54 -32.65 -1.89
C GLY B 193 1.83 -32.69 -2.69
N LEU B 194 2.94 -32.95 -2.03
CA LEU B 194 4.22 -33.12 -2.73
C LEU B 194 4.14 -34.26 -3.75
N LYS B 195 3.51 -35.38 -3.35
CA LYS B 195 3.38 -36.52 -4.26
C LYS B 195 2.51 -36.18 -5.46
N LYS B 196 1.34 -35.57 -5.21
CA LYS B 196 0.43 -35.28 -6.30
C LYS B 196 1.02 -34.29 -7.30
N ALA B 197 1.83 -33.35 -6.81
CA ALA B 197 2.46 -32.37 -7.69
C ALA B 197 3.76 -32.89 -8.30
N GLY B 198 4.19 -34.09 -7.94
CA GLY B 198 5.39 -34.64 -8.54
C GLY B 198 6.68 -34.00 -8.10
N ILE B 199 6.72 -33.44 -6.88
CA ILE B 199 7.90 -32.75 -6.39
C ILE B 199 9.00 -33.75 -6.07
N ASN B 200 10.22 -33.44 -6.50
CA ASN B 200 11.38 -34.24 -6.18
C ASN B 200 12.60 -33.32 -6.14
N GLU B 201 13.79 -33.94 -6.24
CA GLU B 201 15.05 -33.22 -6.14
C GLU B 201 15.23 -32.24 -7.28
N LYS B 202 14.66 -32.54 -8.45
CA LYS B 202 14.84 -31.70 -9.63
C LYS B 202 13.86 -30.53 -9.69
N SER B 203 12.89 -30.48 -8.78
CA SER B 203 11.90 -29.40 -8.81
C SER B 203 12.53 -28.07 -8.40
N SER B 204 12.07 -27.01 -9.04
CA SER B 204 12.51 -25.69 -8.65
C SER B 204 11.77 -25.23 -7.39
N VAL B 205 12.31 -24.17 -6.79
CA VAL B 205 11.67 -23.60 -5.61
C VAL B 205 10.26 -23.12 -5.93
N PHE B 206 10.03 -22.63 -7.14
CA PHE B 206 8.69 -22.17 -7.52
C PHE B 206 7.73 -23.33 -7.72
N ASP B 207 8.23 -24.48 -8.21
CA ASP B 207 7.40 -25.68 -8.24
C ASP B 207 7.02 -26.13 -6.84
N VAL B 208 7.96 -26.10 -5.90
CA VAL B 208 7.67 -26.49 -4.53
C VAL B 208 6.62 -25.56 -3.93
N LEU B 209 6.82 -24.25 -4.10
CA LEU B 209 5.85 -23.29 -3.58
C LEU B 209 4.48 -23.48 -4.21
N ASN B 210 4.44 -23.74 -5.51
CA ASN B 210 3.15 -23.93 -6.19
C ASN B 210 2.42 -25.16 -5.66
N ALA B 211 3.18 -26.15 -5.23
CA ALA B 211 2.57 -27.37 -4.70
C ALA B 211 2.03 -27.15 -3.29
N VAL B 212 2.87 -26.70 -2.36
CA VAL B 212 2.56 -26.78 -0.94
C VAL B 212 2.92 -25.53 -0.12
N GLY B 213 3.35 -24.46 -0.77
CA GLY B 213 3.64 -23.22 -0.06
C GLY B 213 2.38 -22.47 0.27
N ASP B 214 2.57 -21.30 0.90
CA ASP B 214 1.49 -20.33 0.98
C ASP B 214 1.97 -19.05 0.29
N LYS B 215 1.01 -18.22 -0.10
CA LYS B 215 1.30 -17.07 -0.95
C LYS B 215 2.10 -15.98 -0.24
N MET B 216 2.09 -15.98 1.09
CA MET B 216 2.92 -15.03 1.82
C MET B 216 4.39 -15.28 1.53
N MET B 217 4.77 -16.54 1.36
CA MET B 217 6.18 -16.86 1.28
C MET B 217 6.89 -16.19 0.11
N PRO B 218 6.43 -16.32 -1.14
CA PRO B 218 7.16 -15.63 -2.22
C PRO B 218 7.12 -14.13 -2.09
N VAL B 219 6.02 -13.57 -1.56
CA VAL B 219 5.95 -12.13 -1.39
C VAL B 219 7.02 -11.66 -0.41
N VAL B 220 7.13 -12.33 0.73
CA VAL B 220 8.12 -11.96 1.74
C VAL B 220 9.53 -12.15 1.18
N ALA B 221 9.77 -13.24 0.45
CA ALA B 221 11.08 -13.42 -0.16
C ALA B 221 11.43 -12.26 -1.09
N GLY B 222 10.47 -11.79 -1.89
CA GLY B 222 10.72 -10.66 -2.76
C GLY B 222 11.01 -9.37 -2.00
N LEU B 223 10.20 -9.08 -0.98
CA LEU B 223 10.44 -7.90 -0.17
C LEU B 223 11.84 -7.95 0.47
N ALA B 224 12.17 -9.08 1.07
CA ALA B 224 13.44 -9.21 1.77
C ALA B 224 14.61 -9.06 0.82
N ILE B 225 14.56 -9.71 -0.34
CA ILE B 225 15.65 -9.62 -1.31
C ILE B 225 15.78 -8.18 -1.81
N SER B 226 14.66 -7.49 -2.01
CA SER B 226 14.72 -6.11 -2.49
CA SER B 226 14.73 -6.12 -2.49
C SER B 226 15.49 -5.24 -1.51
N PHE B 227 15.27 -5.43 -0.21
CA PHE B 227 15.97 -4.63 0.79
C PHE B 227 17.43 -5.04 0.92
N ALA B 228 17.69 -6.33 1.06
CA ALA B 228 19.07 -6.77 1.27
C ALA B 228 19.94 -6.47 0.06
N GLU B 229 19.39 -6.55 -1.15
CA GLU B 229 20.14 -6.17 -2.34
C GLU B 229 20.59 -4.73 -2.28
N ARG B 230 19.80 -3.85 -1.66
CA ARG B 230 20.09 -2.44 -1.46
C ARG B 230 20.92 -2.18 -0.22
N ASN B 231 21.49 -3.23 0.38
CA ASN B 231 22.34 -3.10 1.57
C ASN B 231 21.57 -2.60 2.78
N LYS B 232 20.28 -2.93 2.87
CA LYS B 232 19.51 -2.61 4.03
C LYS B 232 19.14 -3.89 4.79
N PRO B 233 19.17 -3.84 6.12
CA PRO B 233 18.81 -5.01 6.91
C PRO B 233 17.34 -5.35 6.87
N VAL B 234 17.07 -6.65 7.08
CA VAL B 234 15.72 -7.22 7.08
C VAL B 234 15.59 -8.13 8.29
N ILE B 235 14.54 -7.94 9.08
CA ILE B 235 14.13 -8.93 10.07
C ILE B 235 12.93 -9.68 9.49
N LEU B 236 13.11 -10.97 9.25
CA LEU B 236 12.00 -11.87 8.95
C LEU B 236 11.34 -12.17 10.28
N ALA B 237 10.20 -11.54 10.51
CA ALA B 237 9.58 -11.51 11.85
C ALA B 237 8.59 -12.66 11.91
N GLY B 238 9.09 -13.80 12.37
CA GLY B 238 8.27 -14.97 12.56
C GLY B 238 9.14 -16.11 13.02
N GLY B 239 8.51 -17.26 13.11
CA GLY B 239 9.17 -18.42 13.69
C GLY B 239 9.61 -19.41 12.65
N THR B 240 9.19 -20.67 12.82
CA THR B 240 9.52 -21.69 11.82
C THR B 240 8.94 -21.34 10.44
N GLN B 241 7.85 -20.57 10.36
CA GLN B 241 7.38 -20.13 9.05
C GLN B 241 8.46 -19.32 8.34
N MET B 242 9.17 -18.47 9.07
CA MET B 242 10.22 -17.67 8.46
C MET B 242 11.47 -18.48 8.14
N SER B 243 11.70 -19.61 8.82
CA SER B 243 12.76 -20.51 8.36
C SER B 243 12.47 -21.07 6.97
N ALA B 244 11.20 -21.33 6.65
CA ALA B 244 10.86 -21.74 5.29
C ALA B 244 11.09 -20.59 4.31
N VAL B 245 10.73 -19.36 4.69
CA VAL B 245 10.97 -18.23 3.81
C VAL B 245 12.47 -18.07 3.57
N LEU B 246 13.27 -18.28 4.63
CA LEU B 246 14.73 -18.20 4.50
C LEU B 246 15.25 -19.25 3.52
N ALA B 247 14.74 -20.47 3.59
CA ALA B 247 15.12 -21.48 2.62
C ALA B 247 14.76 -21.07 1.20
N VAL B 248 13.58 -20.47 1.02
CA VAL B 248 13.17 -19.98 -0.29
C VAL B 248 14.13 -18.90 -0.80
N ILE B 249 14.49 -17.96 0.07
CA ILE B 249 15.44 -16.91 -0.31
C ILE B 249 16.76 -17.50 -0.76
N LYS B 250 17.24 -18.52 -0.05
CA LYS B 250 18.50 -19.14 -0.45
C LYS B 250 18.41 -19.75 -1.86
N GLU B 251 17.26 -20.31 -2.22
CA GLU B 251 17.11 -20.86 -3.57
C GLU B 251 17.01 -19.77 -4.63
N ILE B 252 16.41 -18.62 -4.31
CA ILE B 252 16.17 -17.59 -5.31
C ILE B 252 17.40 -16.74 -5.54
N ASN B 253 18.11 -16.40 -4.46
CA ASN B 253 19.23 -15.48 -4.56
C ASN B 253 20.19 -15.69 -3.40
N LYS B 254 20.99 -16.76 -3.49
CA LYS B 254 21.93 -17.07 -2.42
C LYS B 254 22.96 -15.96 -2.22
N LYS B 255 23.37 -15.32 -3.32
CA LYS B 255 24.34 -14.22 -3.24
C LYS B 255 23.83 -13.09 -2.35
N VAL B 256 22.56 -12.73 -2.50
CA VAL B 256 21.99 -11.71 -1.62
C VAL B 256 21.91 -12.22 -0.19
N LEU B 257 21.53 -13.49 -0.02
CA LEU B 257 21.51 -14.05 1.33
C LEU B 257 22.88 -14.03 1.97
N ASP B 258 23.94 -14.19 1.18
CA ASP B 258 25.29 -14.21 1.73
C ASP B 258 25.79 -12.85 2.16
N LYS B 259 25.02 -11.77 1.94
CA LYS B 259 25.43 -10.48 2.42
C LYS B 259 25.24 -10.31 3.93
N ASN B 260 24.59 -11.26 4.60
CA ASN B 260 24.44 -11.23 6.06
C ASN B 260 23.60 -10.03 6.51
N LEU B 261 22.56 -9.71 5.75
CA LEU B 261 21.66 -8.63 6.08
C LEU B 261 20.27 -9.10 6.46
N ILE B 262 20.04 -10.40 6.51
CA ILE B 262 18.72 -10.97 6.77
C ILE B 262 18.82 -11.80 8.04
N ALA B 263 17.95 -11.52 9.00
CA ALA B 263 17.89 -12.25 10.25
C ALA B 263 16.48 -12.74 10.49
N ILE B 264 16.34 -13.78 11.30
CA ILE B 264 15.05 -14.23 11.80
C ILE B 264 14.86 -13.59 13.17
N GLY B 265 13.72 -12.94 13.36
CA GLY B 265 13.37 -12.37 14.64
C GLY B 265 12.09 -12.99 15.15
N THR B 266 12.17 -13.67 16.29
CA THR B 266 11.06 -14.47 16.80
C THR B 266 10.95 -14.22 18.30
N THR B 267 10.11 -15.02 18.96
CA THR B 267 9.93 -14.93 20.41
C THR B 267 10.69 -16.04 21.12
N GLU B 268 10.93 -15.81 22.41
CA GLU B 268 11.46 -16.86 23.27
C GLU B 268 10.60 -18.11 23.21
N PHE B 269 9.29 -17.95 23.02
CA PHE B 269 8.37 -19.09 23.04
C PHE B 269 8.60 -20.02 21.86
N VAL B 270 9.00 -19.49 20.71
CA VAL B 270 9.31 -20.36 19.59
C VAL B 270 10.69 -20.95 19.73
N LEU B 271 11.66 -20.13 20.12
CA LEU B 271 13.02 -20.64 20.26
C LEU B 271 13.05 -21.81 21.23
N ASN B 272 12.30 -21.69 22.34
CA ASN B 272 12.31 -22.68 23.42
C ASN B 272 11.16 -23.69 23.32
N ASP B 273 10.57 -23.82 22.14
CA ASP B 273 9.47 -24.76 21.91
C ASP B 273 10.04 -26.16 21.79
N LYS B 274 9.76 -27.02 22.77
CA LYS B 274 10.29 -28.37 22.73
C LYS B 274 9.54 -29.29 21.76
N LYS B 275 8.40 -28.84 21.22
CA LYS B 275 7.69 -29.58 20.19
C LYS B 275 8.07 -29.17 18.78
N GLY B 276 9.09 -28.33 18.64
CA GLY B 276 9.67 -28.02 17.34
C GLY B 276 11.16 -27.78 17.49
N ASP B 277 11.83 -27.28 16.44
CA ASP B 277 13.27 -27.09 16.49
C ASP B 277 13.70 -26.02 15.49
N LEU B 278 13.46 -24.75 15.82
CA LEU B 278 13.78 -23.67 14.88
C LEU B 278 15.28 -23.59 14.63
N LYS B 279 16.09 -23.59 15.69
CA LYS B 279 17.52 -23.46 15.53
C LYS B 279 18.06 -24.55 14.62
N GLY B 280 17.53 -25.77 14.75
CA GLY B 280 17.99 -26.89 13.94
C GLY B 280 17.63 -26.78 12.47
N ILE B 281 16.50 -26.15 12.15
CA ILE B 281 16.19 -25.88 10.75
C ILE B 281 17.16 -24.86 10.19
N VAL B 282 17.35 -23.76 10.91
CA VAL B 282 18.19 -22.68 10.40
C VAL B 282 19.62 -23.15 10.18
N GLU B 283 20.13 -24.02 11.07
CA GLU B 283 21.48 -24.56 10.92
C GLU B 283 21.67 -25.24 9.57
N GLN B 284 20.61 -25.87 9.03
CA GLN B 284 20.69 -26.54 7.75
C GLN B 284 20.73 -25.58 6.57
N ILE B 285 20.25 -24.35 6.77
CA ILE B 285 20.15 -23.38 5.68
C ILE B 285 21.41 -22.53 5.56
N GLY B 286 21.94 -22.05 6.68
CA GLY B 286 23.12 -21.21 6.64
C GLY B 286 23.37 -20.57 7.99
N ASN B 287 24.46 -19.79 8.04
CA ASN B 287 24.86 -19.06 9.23
C ASN B 287 24.08 -17.75 9.22
N VAL B 288 22.87 -17.80 9.77
CA VAL B 288 21.96 -16.66 9.75
C VAL B 288 21.60 -16.30 11.18
N PRO B 289 21.60 -15.01 11.53
CA PRO B 289 21.21 -14.64 12.90
C PRO B 289 19.78 -15.03 13.21
N VAL B 290 19.60 -15.60 14.40
CA VAL B 290 18.28 -15.89 14.98
C VAL B 290 18.20 -15.11 16.28
N LEU B 291 17.25 -14.20 16.36
CA LEU B 291 17.11 -13.30 17.51
C LEU B 291 15.72 -13.48 18.10
N ALA B 292 15.65 -13.63 19.43
CA ALA B 292 14.37 -13.90 20.08
C ALA B 292 14.16 -12.92 21.23
N SER B 293 12.98 -12.32 21.26
CA SER B 293 12.63 -11.38 22.30
C SER B 293 12.04 -12.11 23.52
N LYS B 294 12.35 -11.58 24.71
CA LYS B 294 11.78 -12.07 25.96
C LYS B 294 10.73 -11.09 26.46
N PHE B 295 9.65 -11.65 27.04
CA PHE B 295 8.45 -10.89 27.40
C PHE B 295 8.09 -10.93 28.87
N TYR B 296 8.67 -11.83 29.65
CA TYR B 296 8.36 -11.91 31.07
C TYR B 296 6.86 -12.08 31.30
N PHE B 297 6.25 -12.94 30.47
CA PHE B 297 4.81 -13.19 30.59
C PHE B 297 4.48 -14.13 31.77
N GLU B 298 5.48 -14.77 32.38
CA GLU B 298 5.19 -15.56 33.58
C GLU B 298 4.49 -14.71 34.65
N LYS B 299 4.80 -13.42 34.72
CA LYS B 299 4.17 -12.51 35.67
C LYS B 299 3.21 -11.54 35.01
N ALA B 300 2.70 -11.88 33.84
CA ALA B 300 1.66 -11.07 33.24
C ALA B 300 0.42 -11.12 34.12
N LYS B 301 -0.40 -10.08 34.02
CA LYS B 301 -1.65 -10.02 34.75
C LYS B 301 -2.83 -10.50 33.93
N ILE B 302 -2.59 -11.01 32.72
CA ILE B 302 -3.60 -11.60 31.85
C ILE B 302 -3.30 -13.09 31.77
N GLU B 303 -4.26 -13.94 32.15
CA GLU B 303 -4.01 -15.37 32.11
C GLU B 303 -3.66 -15.84 30.70
N GLY B 304 -4.33 -15.29 29.68
CA GLY B 304 -4.03 -15.67 28.31
C GLY B 304 -2.60 -15.37 27.88
N LEU B 305 -1.98 -14.34 28.45
CA LEU B 305 -0.56 -14.10 28.18
C LEU B 305 0.33 -15.09 28.94
N LYS B 306 -0.01 -15.41 30.19
CA LYS B 306 0.79 -16.38 30.92
C LYS B 306 0.84 -17.70 30.17
N ASN B 307 -0.24 -18.03 29.43
CA ASN B 307 -0.33 -19.29 28.71
C ASN B 307 0.58 -19.37 27.51
N TYR B 308 1.12 -18.23 27.01
CA TYR B 308 2.17 -18.30 26.01
C TYR B 308 3.35 -19.15 26.51
N CYS B 309 3.60 -19.10 27.82
CA CYS B 309 4.71 -19.86 28.40
C CYS B 309 4.46 -21.36 28.32
N LYS B 310 3.19 -21.79 28.21
CA LYS B 310 2.84 -23.19 28.04
C LYS B 310 2.76 -23.61 26.57
N GLY B 311 2.92 -22.67 25.64
CA GLY B 311 2.87 -22.99 24.23
C GLY B 311 1.68 -22.42 23.50
N SER B 312 0.76 -21.74 24.18
N SER B 312 0.81 -21.69 24.17
CA SER B 312 -0.35 -21.10 23.48
CA SER B 312 -0.32 -21.08 23.49
C SER B 312 0.20 -19.95 22.63
C SER B 312 0.17 -19.90 22.63
N VAL B 313 -0.25 -19.89 21.36
CA VAL B 313 0.07 -18.81 20.41
C VAL B 313 1.54 -18.81 19.99
N LYS B 314 2.43 -18.43 20.92
CA LYS B 314 3.87 -18.36 20.77
C LYS B 314 4.38 -17.17 19.94
N GLU B 315 3.79 -16.94 18.78
CA GLU B 315 4.36 -16.06 17.76
C GLU B 315 3.29 -15.76 16.71
N GLY B 316 3.51 -14.69 15.99
CA GLY B 316 2.72 -14.36 14.82
C GLY B 316 2.54 -12.88 14.66
N VAL B 317 2.14 -12.48 13.46
CA VAL B 317 1.86 -11.08 13.16
C VAL B 317 3.12 -10.25 13.41
N GLY B 318 4.28 -10.85 13.18
CA GLY B 318 5.54 -10.16 13.41
C GLY B 318 5.90 -9.82 14.83
N ALA B 319 5.21 -10.40 15.82
CA ALA B 319 5.36 -9.96 17.21
C ALA B 319 6.79 -10.10 17.70
N GLY B 320 7.37 -11.28 17.54
CA GLY B 320 8.72 -11.50 18.04
C GLY B 320 9.74 -10.56 17.45
N GLY B 321 9.70 -10.38 16.12
CA GLY B 321 10.71 -9.58 15.44
C GLY B 321 10.53 -8.09 15.69
N ILE B 322 9.28 -7.63 15.74
CA ILE B 322 9.07 -6.21 16.04
C ILE B 322 9.47 -5.91 17.47
N ALA B 323 9.29 -6.86 18.38
CA ALA B 323 9.75 -6.70 19.75
C ALA B 323 11.28 -6.71 19.85
N VAL B 324 11.97 -7.56 19.08
CA VAL B 324 13.43 -7.48 19.01
C VAL B 324 13.88 -6.07 18.62
N TYR B 325 13.34 -5.56 17.52
CA TYR B 325 13.69 -4.21 17.11
C TYR B 325 13.43 -3.22 18.26
N SER B 326 12.27 -3.32 18.90
CA SER B 326 11.87 -2.33 19.90
C SER B 326 12.78 -2.39 21.13
N ILE B 327 13.09 -3.59 21.59
CA ILE B 327 13.91 -3.77 22.78
C ILE B 327 15.34 -3.36 22.51
N VAL B 328 15.88 -3.70 21.33
CA VAL B 328 17.23 -3.25 20.98
C VAL B 328 17.28 -1.74 20.98
N ASN B 329 16.19 -1.09 20.60
CA ASN B 329 16.11 0.37 20.54
C ASN B 329 15.57 0.99 21.82
N ASP B 330 15.69 0.28 22.94
CA ASP B 330 15.55 0.83 24.29
C ASP B 330 14.20 0.60 24.96
N LEU B 331 13.23 -0.01 24.28
CA LEU B 331 11.96 -0.29 24.95
C LEU B 331 12.18 -1.27 26.10
N GLU B 332 11.71 -0.89 27.28
CA GLU B 332 11.77 -1.80 28.42
C GLU B 332 10.78 -2.93 28.16
N PRO B 333 11.22 -4.20 28.14
CA PRO B 333 10.31 -5.29 27.74
C PRO B 333 9.00 -5.34 28.47
N THR B 334 8.95 -5.08 29.78
CA THR B 334 7.69 -5.19 30.50
C THR B 334 6.69 -4.11 30.10
N LYS B 335 7.11 -3.09 29.35
CA LYS B 335 6.16 -2.14 28.82
C LYS B 335 5.21 -2.79 27.82
N ILE B 336 5.67 -3.85 27.14
CA ILE B 336 4.79 -4.57 26.22
C ILE B 336 3.67 -5.25 26.99
N ARG B 337 4.03 -6.06 27.97
CA ARG B 337 3.06 -6.71 28.84
C ARG B 337 2.09 -5.69 29.47
N GLU B 338 2.62 -4.58 29.97
CA GLU B 338 1.77 -3.58 30.61
C GLU B 338 0.81 -2.92 29.62
N PHE B 339 1.27 -2.65 28.41
CA PHE B 339 0.39 -2.09 27.38
C PHE B 339 -0.79 -3.02 27.13
N ILE B 340 -0.50 -4.30 26.94
CA ILE B 340 -1.55 -5.26 26.64
C ILE B 340 -2.51 -5.38 27.81
N GLU B 341 -1.96 -5.48 29.03
CA GLU B 341 -2.80 -5.52 30.22
C GLU B 341 -3.73 -4.31 30.28
N ASN B 342 -3.23 -3.13 29.91
CA ASN B 342 -4.05 -1.93 30.00
C ASN B 342 -5.17 -1.94 28.96
N LYS B 343 -4.91 -2.45 27.76
CA LYS B 343 -5.88 -2.40 26.67
C LYS B 343 -6.78 -3.62 26.62
N PHE B 344 -6.47 -4.66 27.40
CA PHE B 344 -7.09 -5.96 27.20
C PHE B 344 -8.59 -5.92 27.43
N TYR B 345 -9.03 -5.20 28.45
CA TYR B 345 -10.44 -5.22 28.78
C TYR B 345 -11.28 -4.68 27.63
N GLU B 346 -10.90 -3.53 27.07
CA GLU B 346 -11.68 -2.98 25.97
C GLU B 346 -11.54 -3.80 24.69
N TRP B 347 -10.39 -4.43 24.44
CA TRP B 347 -10.26 -5.26 23.25
C TRP B 347 -11.17 -6.48 23.29
N TYR B 348 -11.19 -7.15 24.43
CA TYR B 348 -11.89 -8.42 24.58
C TYR B 348 -13.26 -8.40 25.26
N LYS B 349 -13.72 -7.17 25.48
CA LYS B 349 -15.07 -6.70 25.84
C LYS B 349 -15.37 -6.02 27.09
C8A AAM C . -6.00 10.64 -16.76
N9A AAM C . -5.64 9.64 -17.57
C4A AAM C . -5.91 10.15 -18.89
C5A AAM C . -6.41 11.47 -18.78
N7A AAM C . -6.46 11.70 -17.42
N3A AAM C . -5.74 9.52 -20.04
C2A AAM C . -6.03 10.20 -21.15
N1A AAM C . -6.53 11.45 -21.15
C6A AAM C . -6.72 12.09 -19.97
N6A AAM C . -7.26 13.40 -19.99
P AAM C . -12.11 14.77 -17.38
O1P AAM C . -12.34 15.48 -18.67
O2P AAM C . -12.87 15.40 -16.29
O3P AAM C . -12.38 13.33 -17.42
O6' AAM C . -10.50 14.99 -17.11
C5' AAM C . -9.91 14.34 -15.98
C4' AAM C . -9.20 13.09 -16.36
O5' AAM C . -8.10 13.42 -17.31
C3' AAM C . -8.50 12.43 -15.19
O3' AAM C . -8.54 11.03 -15.42
C2' AAM C . -7.13 12.95 -15.28
O2' AAM C . -6.18 12.21 -14.53
C1' AAM C . -6.84 12.93 -16.76
H8A AAM C . -5.93 10.61 -15.84
H2A AAM C . -5.89 9.79 -21.97
HN61 AAM C . -7.24 13.89 -19.28
HN62 AAM C . -7.61 13.72 -20.72
H5'1 AAM C . -9.28 14.95 -15.57
H5'2 AAM C . -10.61 14.13 -15.35
H4' AAM C . -9.85 12.48 -16.74
H3' AAM C . -8.89 12.62 -14.33
HO3' AAM C . -8.75 10.64 -14.70
H2' AAM C . -7.09 13.84 -14.89
HO2' AAM C . -5.88 12.70 -13.91
H1' AAM C . -6.03 13.45 -16.90
N NIO D . -6.94 16.21 -16.00
C1 NIO D . -7.21 17.05 -14.99
C2 NIO D . -7.45 18.39 -15.26
C3 NIO D . -7.46 18.87 -16.55
C4 NIO D . -7.19 18.02 -17.55
C5 NIO D . -6.94 16.68 -17.27
C6 NIO D . -7.75 19.32 -14.10
O1 NIO D . -8.07 20.51 -14.33
O2 NIO D . -7.69 18.88 -12.92
H1 NIO D . -7.22 16.75 -14.11
H3 NIO D . -7.64 19.76 -16.72
H4 NIO D . -7.17 18.32 -18.43
H5 NIO D . -6.78 16.10 -17.97
P PO4 E . 7.43 11.69 10.74
O1 PO4 E . 7.40 10.87 9.48
O2 PO4 E . 8.63 11.32 11.58
O3 PO4 E . 7.38 13.17 10.47
O4 PO4 E . 6.21 11.36 11.59
N NIO F . 2.82 -18.65 14.63
C1 NIO F . 3.91 -18.98 13.92
C2 NIO F . 4.78 -19.93 14.43
C3 NIO F . 4.57 -20.53 15.62
C4 NIO F . 3.48 -20.20 16.33
C5 NIO F . 2.58 -19.26 15.82
C6 NIO F . 6.02 -20.28 13.61
O1 NIO F . 6.23 -19.61 12.54
O2 NIO F . 6.78 -21.20 14.02
H1 NIO F . 4.09 -18.58 13.10
H3 NIO F . 5.17 -21.16 15.95
H4 NIO F . 3.32 -20.58 17.15
H5 NIO F . 1.83 -19.04 16.30
C8A AAM G . -1.66 -15.27 13.96
N9A AAM G . -2.77 -14.73 14.47
C4A AAM G . -3.12 -15.60 15.59
C5A AAM G . -2.14 -16.63 15.63
N7A AAM G . -1.29 -16.38 14.58
N3A AAM G . -4.12 -15.46 16.41
C2A AAM G . -4.24 -16.39 17.36
N1A AAM G . -3.37 -17.40 17.48
C6A AAM G . -2.35 -17.54 16.65
N6A AAM G . -1.48 -18.65 16.82
P AAM G . -0.73 -22.55 12.72
O1P AAM G . 0.06 -23.19 11.65
O2P AAM G . -0.92 -23.48 13.89
O3P AAM G . -2.01 -22.03 12.15
O6' AAM G . 0.09 -21.28 13.35
C5' AAM G . 0.35 -20.17 12.52
C4' AAM G . -0.57 -19.03 12.83
O5' AAM G . -0.43 -18.58 14.23
C3' AAM G . -0.31 -17.82 11.98
O3' AAM G . -1.52 -17.18 11.67
C2' AAM G . 0.53 -17.01 12.91
O2' AAM G . 0.65 -15.65 12.53
C1' AAM G . -0.13 -17.15 14.27
H8A AAM G . -1.19 -14.91 13.24
H2A AAM G . -4.94 -16.33 17.97
HN61 AAM G . -1.60 -19.21 17.47
HN62 AAM G . -0.82 -18.77 16.28
H5'1 AAM G . 1.26 -19.88 12.67
H5'2 AAM G . 0.23 -20.43 11.59
H4' AAM G . -1.48 -19.34 12.66
H3' AAM G . 0.14 -18.01 11.14
HO3' AAM G . -1.33 -16.40 11.39
H2' AAM G . 1.44 -17.36 12.93
HO2' AAM G . 1.46 -15.50 12.30
H1' AAM G . 0.49 -16.83 14.95
P PO4 H . 16.83 3.63 -1.06
O1 PO4 H . 17.30 2.88 -2.30
O2 PO4 H . 17.90 3.65 -0.01
O3 PO4 H . 16.51 5.05 -1.48
O4 PO4 H . 15.57 2.99 -0.49
#